data_1YCQ
# 
_entry.id   1YCQ 
# 
_audit_conform.dict_name       mmcif_pdbx.dic 
_audit_conform.dict_version    5.387 
_audit_conform.dict_location   http://mmcif.pdb.org/dictionaries/ascii/mmcif_pdbx.dic 
# 
loop_
_database_2.database_id 
_database_2.database_code 
_database_2.pdbx_database_accession 
_database_2.pdbx_DOI 
PDB   1YCQ         pdb_00001ycq 10.2210/pdb1ycq/pdb 
WWPDB D_1000177366 ?            ?                   
# 
loop_
_pdbx_audit_revision_history.ordinal 
_pdbx_audit_revision_history.data_content_type 
_pdbx_audit_revision_history.major_revision 
_pdbx_audit_revision_history.minor_revision 
_pdbx_audit_revision_history.revision_date 
1 'Structure model' 1 0 1997-11-19 
2 'Structure model' 1 1 2008-03-24 
3 'Structure model' 1 2 2011-07-13 
4 'Structure model' 1 3 2019-07-17 
5 'Structure model' 1 4 2019-08-14 
6 'Structure model' 1 5 2024-02-14 
# 
_pdbx_audit_revision_details.ordinal             1 
_pdbx_audit_revision_details.revision_ordinal    1 
_pdbx_audit_revision_details.data_content_type   'Structure model' 
_pdbx_audit_revision_details.provider            repository 
_pdbx_audit_revision_details.type                'Initial release' 
_pdbx_audit_revision_details.description         ? 
_pdbx_audit_revision_details.details             ? 
# 
loop_
_pdbx_audit_revision_group.ordinal 
_pdbx_audit_revision_group.revision_ordinal 
_pdbx_audit_revision_group.data_content_type 
_pdbx_audit_revision_group.group 
1 2 'Structure model' 'Version format compliance' 
2 3 'Structure model' 'Version format compliance' 
3 4 'Structure model' 'Data collection'           
4 4 'Structure model' Other                       
5 4 'Structure model' 'Refinement description'    
6 5 'Structure model' 'Data collection'           
7 6 'Structure model' 'Data collection'           
8 6 'Structure model' 'Database references'       
# 
loop_
_pdbx_audit_revision_category.ordinal 
_pdbx_audit_revision_category.revision_ordinal 
_pdbx_audit_revision_category.data_content_type 
_pdbx_audit_revision_category.category 
1 4 'Structure model' pdbx_database_status 
2 4 'Structure model' software             
3 5 'Structure model' computing            
4 6 'Structure model' chem_comp_atom       
5 6 'Structure model' chem_comp_bond       
6 6 'Structure model' database_2           
# 
loop_
_pdbx_audit_revision_item.ordinal 
_pdbx_audit_revision_item.revision_ordinal 
_pdbx_audit_revision_item.data_content_type 
_pdbx_audit_revision_item.item 
1 4 'Structure model' '_pdbx_database_status.process_site'  
2 4 'Structure model' '_software.classification'            
3 6 'Structure model' '_database_2.pdbx_DOI'                
4 6 'Structure model' '_database_2.pdbx_database_accession' 
# 
_pdbx_database_status.status_code                     REL 
_pdbx_database_status.entry_id                        1YCQ 
_pdbx_database_status.recvd_initial_deposition_date   1996-09-30 
_pdbx_database_status.deposit_site                    ? 
_pdbx_database_status.process_site                    BNL 
_pdbx_database_status.SG_entry                        . 
_pdbx_database_status.pdb_format_compatible           Y 
_pdbx_database_status.status_code_mr                  ? 
_pdbx_database_status.status_code_sf                  ? 
_pdbx_database_status.status_code_cs                  ? 
_pdbx_database_status.methods_development_category    ? 
_pdbx_database_status.status_code_nmr_data            ? 
# 
loop_
_audit_author.name 
_audit_author.pdbx_ordinal 
'Kussie, P.H.'    1 
'Pavletich, N.P.' 2 
# 
_citation.id                        primary 
_citation.title                     'Structure of the MDM2 oncoprotein bound to the p53 tumor suppressor transactivation domain.' 
_citation.journal_abbrev            Science 
_citation.journal_volume            274 
_citation.page_first                948 
_citation.page_last                 953 
_citation.year                      1996 
_citation.journal_id_ASTM           SCIEAS 
_citation.country                   US 
_citation.journal_id_ISSN           0036-8075 
_citation.journal_id_CSD            0038 
_citation.book_publisher            ? 
_citation.pdbx_database_id_PubMed   8875929 
_citation.pdbx_database_id_DOI      10.1126/science.274.5289.948 
# 
loop_
_citation_author.citation_id 
_citation_author.name 
_citation_author.ordinal 
_citation_author.identifier_ORCID 
primary 'Kussie, P.H.'    1 ? 
primary 'Gorina, S.'      2 ? 
primary 'Marechal, V.'    3 ? 
primary 'Elenbaas, B.'    4 ? 
primary 'Moreau, J.'      5 ? 
primary 'Levine, A.J.'    6 ? 
primary 'Pavletich, N.P.' 7 ? 
# 
loop_
_entity.id 
_entity.type 
_entity.src_method 
_entity.pdbx_description 
_entity.formula_weight 
_entity.pdbx_number_of_molecules 
_entity.pdbx_ec 
_entity.pdbx_mutation 
_entity.pdbx_fragment 
_entity.details 
1 polymer man MDM2  12165.851 1  ? ? ?                  ? 
2 polymer man P53   2018.246  1  ? ? 'RESIDUES 13 - 29' ? 
3 water   nat water 18.015    40 ? ? ?                  ? 
# 
_entity_name_com.entity_id   1 
_entity_name_com.name        MDM2 
# 
loop_
_entity_poly.entity_id 
_entity_poly.type 
_entity_poly.nstd_linkage 
_entity_poly.nstd_monomer 
_entity_poly.pdbx_seq_one_letter_code 
_entity_poly.pdbx_seq_one_letter_code_can 
_entity_poly.pdbx_strand_id 
_entity_poly.pdbx_target_identifier 
1 'polypeptide(L)' no no 
;NHISTSDQEKLVQPTPLLLSLLKSAGAQKETFTMKEVIYHLGQYIMAKQLYDEKQQHIVHCSNDPLGELFGVQEFSVKEP
RRLYAMISRNLVSANVKESSEDIFGNV
;
;NHISTSDQEKLVQPTPLLLSLLKSAGAQKETFTMKEVIYHLGQYIMAKQLYDEKQQHIVHCSNDPLGELFGVQEFSVKEP
RRLYAMISRNLVSANVKESSEDIFGNV
;
A ? 
2 'polypeptide(L)' no no PLSQETFSDLWKLLPEN PLSQETFSDLWKLLPEN B ? 
# 
_pdbx_entity_nonpoly.entity_id   3 
_pdbx_entity_nonpoly.name        water 
_pdbx_entity_nonpoly.comp_id     HOH 
# 
loop_
_entity_poly_seq.entity_id 
_entity_poly_seq.num 
_entity_poly_seq.mon_id 
_entity_poly_seq.hetero 
1 1   ASN n 
1 2   HIS n 
1 3   ILE n 
1 4   SER n 
1 5   THR n 
1 6   SER n 
1 7   ASP n 
1 8   GLN n 
1 9   GLU n 
1 10  LYS n 
1 11  LEU n 
1 12  VAL n 
1 13  GLN n 
1 14  PRO n 
1 15  THR n 
1 16  PRO n 
1 17  LEU n 
1 18  LEU n 
1 19  LEU n 
1 20  SER n 
1 21  LEU n 
1 22  LEU n 
1 23  LYS n 
1 24  SER n 
1 25  ALA n 
1 26  GLY n 
1 27  ALA n 
1 28  GLN n 
1 29  LYS n 
1 30  GLU n 
1 31  THR n 
1 32  PHE n 
1 33  THR n 
1 34  MET n 
1 35  LYS n 
1 36  GLU n 
1 37  VAL n 
1 38  ILE n 
1 39  TYR n 
1 40  HIS n 
1 41  LEU n 
1 42  GLY n 
1 43  GLN n 
1 44  TYR n 
1 45  ILE n 
1 46  MET n 
1 47  ALA n 
1 48  LYS n 
1 49  GLN n 
1 50  LEU n 
1 51  TYR n 
1 52  ASP n 
1 53  GLU n 
1 54  LYS n 
1 55  GLN n 
1 56  GLN n 
1 57  HIS n 
1 58  ILE n 
1 59  VAL n 
1 60  HIS n 
1 61  CYS n 
1 62  SER n 
1 63  ASN n 
1 64  ASP n 
1 65  PRO n 
1 66  LEU n 
1 67  GLY n 
1 68  GLU n 
1 69  LEU n 
1 70  PHE n 
1 71  GLY n 
1 72  VAL n 
1 73  GLN n 
1 74  GLU n 
1 75  PHE n 
1 76  SER n 
1 77  VAL n 
1 78  LYS n 
1 79  GLU n 
1 80  PRO n 
1 81  ARG n 
1 82  ARG n 
1 83  LEU n 
1 84  TYR n 
1 85  ALA n 
1 86  MET n 
1 87  ILE n 
1 88  SER n 
1 89  ARG n 
1 90  ASN n 
1 91  LEU n 
1 92  VAL n 
1 93  SER n 
1 94  ALA n 
1 95  ASN n 
1 96  VAL n 
1 97  LYS n 
1 98  GLU n 
1 99  SER n 
1 100 SER n 
1 101 GLU n 
1 102 ASP n 
1 103 ILE n 
1 104 PHE n 
1 105 GLY n 
1 106 ASN n 
1 107 VAL n 
2 1   PRO n 
2 2   LEU n 
2 3   SER n 
2 4   GLN n 
2 5   GLU n 
2 6   THR n 
2 7   PHE n 
2 8   SER n 
2 9   ASP n 
2 10  LEU n 
2 11  TRP n 
2 12  LYS n 
2 13  LEU n 
2 14  LEU n 
2 15  PRO n 
2 16  GLU n 
2 17  ASN n 
# 
_entity_src_gen.entity_id                          1 
_entity_src_gen.pdbx_src_id                        1 
_entity_src_gen.pdbx_alt_source_flag               sample 
_entity_src_gen.pdbx_seq_type                      ? 
_entity_src_gen.pdbx_beg_seq_num                   ? 
_entity_src_gen.pdbx_end_seq_num                   ? 
_entity_src_gen.gene_src_common_name               'African clawed frog' 
_entity_src_gen.gene_src_genus                     Xenopus 
_entity_src_gen.pdbx_gene_src_gene                 ? 
_entity_src_gen.gene_src_species                   ? 
_entity_src_gen.gene_src_strain                    ? 
_entity_src_gen.gene_src_tissue                    ? 
_entity_src_gen.gene_src_tissue_fraction           ? 
_entity_src_gen.gene_src_details                   ? 
_entity_src_gen.pdbx_gene_src_fragment             ? 
_entity_src_gen.pdbx_gene_src_scientific_name      'Xenopus laevis' 
_entity_src_gen.pdbx_gene_src_ncbi_taxonomy_id     8355 
_entity_src_gen.pdbx_gene_src_variant              ? 
_entity_src_gen.pdbx_gene_src_cell_line            ? 
_entity_src_gen.pdbx_gene_src_atcc                 ? 
_entity_src_gen.pdbx_gene_src_organ                ? 
_entity_src_gen.pdbx_gene_src_organelle            ? 
_entity_src_gen.pdbx_gene_src_cell                 ? 
_entity_src_gen.pdbx_gene_src_cellular_location    ? 
_entity_src_gen.host_org_common_name               ? 
_entity_src_gen.pdbx_host_org_scientific_name      'Escherichia coli' 
_entity_src_gen.pdbx_host_org_ncbi_taxonomy_id     562 
_entity_src_gen.host_org_genus                     Escherichia 
_entity_src_gen.pdbx_host_org_gene                 ? 
_entity_src_gen.pdbx_host_org_organ                ? 
_entity_src_gen.host_org_species                   ? 
_entity_src_gen.pdbx_host_org_tissue               ? 
_entity_src_gen.pdbx_host_org_tissue_fraction      ? 
_entity_src_gen.pdbx_host_org_strain               ? 
_entity_src_gen.pdbx_host_org_variant              ? 
_entity_src_gen.pdbx_host_org_cell_line            ? 
_entity_src_gen.pdbx_host_org_atcc                 ? 
_entity_src_gen.pdbx_host_org_culture_collection   ? 
_entity_src_gen.pdbx_host_org_cell                 ? 
_entity_src_gen.pdbx_host_org_organelle            ? 
_entity_src_gen.pdbx_host_org_cellular_location    ? 
_entity_src_gen.pdbx_host_org_vector_type          ? 
_entity_src_gen.pdbx_host_org_vector               ? 
_entity_src_gen.host_org_details                   ? 
_entity_src_gen.expression_system_id               ? 
_entity_src_gen.plasmid_name                       PET3D 
_entity_src_gen.plasmid_details                    ? 
_entity_src_gen.pdbx_description                   ? 
# 
loop_
_chem_comp.id 
_chem_comp.type 
_chem_comp.mon_nstd_flag 
_chem_comp.name 
_chem_comp.pdbx_synonyms 
_chem_comp.formula 
_chem_comp.formula_weight 
ALA 'L-peptide linking' y ALANINE         ? 'C3 H7 N O2'     89.093  
ARG 'L-peptide linking' y ARGININE        ? 'C6 H15 N4 O2 1' 175.209 
ASN 'L-peptide linking' y ASPARAGINE      ? 'C4 H8 N2 O3'    132.118 
ASP 'L-peptide linking' y 'ASPARTIC ACID' ? 'C4 H7 N O4'     133.103 
CYS 'L-peptide linking' y CYSTEINE        ? 'C3 H7 N O2 S'   121.158 
GLN 'L-peptide linking' y GLUTAMINE       ? 'C5 H10 N2 O3'   146.144 
GLU 'L-peptide linking' y 'GLUTAMIC ACID' ? 'C5 H9 N O4'     147.129 
GLY 'peptide linking'   y GLYCINE         ? 'C2 H5 N O2'     75.067  
HIS 'L-peptide linking' y HISTIDINE       ? 'C6 H10 N3 O2 1' 156.162 
HOH non-polymer         . WATER           ? 'H2 O'           18.015  
ILE 'L-peptide linking' y ISOLEUCINE      ? 'C6 H13 N O2'    131.173 
LEU 'L-peptide linking' y LEUCINE         ? 'C6 H13 N O2'    131.173 
LYS 'L-peptide linking' y LYSINE          ? 'C6 H15 N2 O2 1' 147.195 
MET 'L-peptide linking' y METHIONINE      ? 'C5 H11 N O2 S'  149.211 
PHE 'L-peptide linking' y PHENYLALANINE   ? 'C9 H11 N O2'    165.189 
PRO 'L-peptide linking' y PROLINE         ? 'C5 H9 N O2'     115.130 
SER 'L-peptide linking' y SERINE          ? 'C3 H7 N O3'     105.093 
THR 'L-peptide linking' y THREONINE       ? 'C4 H9 N O3'     119.119 
TRP 'L-peptide linking' y TRYPTOPHAN      ? 'C11 H12 N2 O2'  204.225 
TYR 'L-peptide linking' y TYROSINE        ? 'C9 H11 N O3'    181.189 
VAL 'L-peptide linking' y VALINE          ? 'C5 H11 N O2'    117.146 
# 
loop_
_pdbx_poly_seq_scheme.asym_id 
_pdbx_poly_seq_scheme.entity_id 
_pdbx_poly_seq_scheme.seq_id 
_pdbx_poly_seq_scheme.mon_id 
_pdbx_poly_seq_scheme.ndb_seq_num 
_pdbx_poly_seq_scheme.pdb_seq_num 
_pdbx_poly_seq_scheme.auth_seq_num 
_pdbx_poly_seq_scheme.pdb_mon_id 
_pdbx_poly_seq_scheme.auth_mon_id 
_pdbx_poly_seq_scheme.pdb_strand_id 
_pdbx_poly_seq_scheme.pdb_ins_code 
_pdbx_poly_seq_scheme.hetero 
A 1 1   ASN 1   13  ?   ?   ?   A . n 
A 1 2   HIS 2   14  ?   ?   ?   A . n 
A 1 3   ILE 3   15  ?   ?   ?   A . n 
A 1 4   SER 4   16  ?   ?   ?   A . n 
A 1 5   THR 5   17  ?   ?   ?   A . n 
A 1 6   SER 6   18  ?   ?   ?   A . n 
A 1 7   ASP 7   19  ?   ?   ?   A . n 
A 1 8   GLN 8   20  ?   ?   ?   A . n 
A 1 9   GLU 9   21  21  GLU GLU A . n 
A 1 10  LYS 10  22  22  LYS LYS A . n 
A 1 11  LEU 11  23  23  LEU LEU A . n 
A 1 12  VAL 12  24  24  VAL VAL A . n 
A 1 13  GLN 13  25  25  GLN GLN A . n 
A 1 14  PRO 14  26  26  PRO PRO A . n 
A 1 15  THR 15  27  27  THR THR A . n 
A 1 16  PRO 16  28  28  PRO PRO A . n 
A 1 17  LEU 17  29  29  LEU LEU A . n 
A 1 18  LEU 18  30  30  LEU LEU A . n 
A 1 19  LEU 19  31  31  LEU LEU A . n 
A 1 20  SER 20  32  32  SER SER A . n 
A 1 21  LEU 21  33  33  LEU LEU A . n 
A 1 22  LEU 22  34  34  LEU LEU A . n 
A 1 23  LYS 23  35  35  LYS LYS A . n 
A 1 24  SER 24  36  36  SER SER A . n 
A 1 25  ALA 25  37  37  ALA ALA A . n 
A 1 26  GLY 26  38  38  GLY GLY A . n 
A 1 27  ALA 27  39  39  ALA ALA A . n 
A 1 28  GLN 28  40  40  GLN GLN A . n 
A 1 29  LYS 29  41  41  LYS LYS A . n 
A 1 30  GLU 30  42  42  GLU GLU A . n 
A 1 31  THR 31  43  43  THR THR A . n 
A 1 32  PHE 32  44  44  PHE PHE A . n 
A 1 33  THR 33  45  45  THR THR A . n 
A 1 34  MET 34  46  46  MET MET A . n 
A 1 35  LYS 35  47  47  LYS LYS A . n 
A 1 36  GLU 36  48  48  GLU GLU A . n 
A 1 37  VAL 37  49  49  VAL VAL A . n 
A 1 38  ILE 38  50  50  ILE ILE A . n 
A 1 39  TYR 39  51  51  TYR TYR A . n 
A 1 40  HIS 40  52  52  HIS HIS A . n 
A 1 41  LEU 41  53  53  LEU LEU A . n 
A 1 42  GLY 42  54  54  GLY GLY A . n 
A 1 43  GLN 43  55  55  GLN GLN A . n 
A 1 44  TYR 44  56  56  TYR TYR A . n 
A 1 45  ILE 45  57  57  ILE ILE A . n 
A 1 46  MET 46  58  58  MET MET A . n 
A 1 47  ALA 47  59  59  ALA ALA A . n 
A 1 48  LYS 48  60  60  LYS LYS A . n 
A 1 49  GLN 49  61  61  GLN GLN A . n 
A 1 50  LEU 50  62  62  LEU LEU A . n 
A 1 51  TYR 51  63  63  TYR TYR A . n 
A 1 52  ASP 52  64  64  ASP ASP A . n 
A 1 53  GLU 53  65  65  GLU GLU A . n 
A 1 54  LYS 54  66  66  LYS LYS A . n 
A 1 55  GLN 55  67  67  GLN GLN A . n 
A 1 56  GLN 56  68  68  GLN GLN A . n 
A 1 57  HIS 57  69  69  HIS HIS A . n 
A 1 58  ILE 58  70  70  ILE ILE A . n 
A 1 59  VAL 59  71  71  VAL VAL A . n 
A 1 60  HIS 60  72  72  HIS HIS A . n 
A 1 61  CYS 61  73  73  CYS CYS A . n 
A 1 62  SER 62  74  74  SER SER A . n 
A 1 63  ASN 63  75  75  ASN ASN A . n 
A 1 64  ASP 64  76  76  ASP ASP A . n 
A 1 65  PRO 65  77  77  PRO PRO A . n 
A 1 66  LEU 66  78  78  LEU LEU A . n 
A 1 67  GLY 67  79  79  GLY GLY A . n 
A 1 68  GLU 68  80  80  GLU GLU A . n 
A 1 69  LEU 69  81  81  LEU LEU A . n 
A 1 70  PHE 70  82  82  PHE PHE A . n 
A 1 71  GLY 71  83  83  GLY GLY A . n 
A 1 72  VAL 72  84  84  VAL VAL A . n 
A 1 73  GLN 73  85  85  GLN GLN A . n 
A 1 74  GLU 74  86  86  GLU GLU A . n 
A 1 75  PHE 75  87  87  PHE PHE A . n 
A 1 76  SER 76  88  88  SER SER A . n 
A 1 77  VAL 77  89  89  VAL VAL A . n 
A 1 78  LYS 78  90  90  LYS LYS A . n 
A 1 79  GLU 79  91  91  GLU GLU A . n 
A 1 80  PRO 80  92  92  PRO PRO A . n 
A 1 81  ARG 81  93  93  ARG ARG A . n 
A 1 82  ARG 82  94  94  ARG ARG A . n 
A 1 83  LEU 83  95  95  LEU LEU A . n 
A 1 84  TYR 84  96  96  TYR TYR A . n 
A 1 85  ALA 85  97  97  ALA ALA A . n 
A 1 86  MET 86  98  98  MET MET A . n 
A 1 87  ILE 87  99  99  ILE ILE A . n 
A 1 88  SER 88  100 100 SER SER A . n 
A 1 89  ARG 89  101 101 ARG ARG A . n 
A 1 90  ASN 90  102 102 ASN ASN A . n 
A 1 91  LEU 91  103 103 LEU LEU A . n 
A 1 92  VAL 92  104 104 VAL VAL A . n 
A 1 93  SER 93  105 105 SER SER A . n 
A 1 94  ALA 94  106 106 ALA ALA A . n 
A 1 95  ASN 95  107 107 ASN ASN A . n 
A 1 96  VAL 96  108 108 VAL VAL A . n 
A 1 97  LYS 97  109 ?   ?   ?   A . n 
A 1 98  GLU 98  110 ?   ?   ?   A . n 
A 1 99  SER 99  111 ?   ?   ?   A . n 
A 1 100 SER 100 112 ?   ?   ?   A . n 
A 1 101 GLU 101 113 ?   ?   ?   A . n 
A 1 102 ASP 102 114 ?   ?   ?   A . n 
A 1 103 ILE 103 115 ?   ?   ?   A . n 
A 1 104 PHE 104 116 ?   ?   ?   A . n 
A 1 105 GLY 105 117 ?   ?   ?   A . n 
A 1 106 ASN 106 118 ?   ?   ?   A . n 
A 1 107 VAL 107 119 ?   ?   ?   A . n 
B 2 1   PRO 1   13  ?   ?   ?   B . n 
B 2 2   LEU 2   14  ?   ?   ?   B . n 
B 2 3   SER 3   15  ?   ?   ?   B . n 
B 2 4   GLN 4   16  ?   ?   ?   B . n 
B 2 5   GLU 5   17  17  GLU GLU B . n 
B 2 6   THR 6   18  18  THR THR B . n 
B 2 7   PHE 7   19  19  PHE PHE B . n 
B 2 8   SER 8   20  20  SER SER B . n 
B 2 9   ASP 9   21  21  ASP ASP B . n 
B 2 10  LEU 10  22  22  LEU LEU B . n 
B 2 11  TRP 11  23  23  TRP TRP B . n 
B 2 12  LYS 12  24  24  LYS LYS B . n 
B 2 13  LEU 13  25  25  LEU LEU B . n 
B 2 14  LEU 14  26  26  LEU LEU B . n 
B 2 15  PRO 15  27  27  PRO PRO B . n 
B 2 16  GLU 16  28  ?   ?   ?   B . n 
B 2 17  ASN 17  29  ?   ?   ?   B . n 
# 
loop_
_pdbx_nonpoly_scheme.asym_id 
_pdbx_nonpoly_scheme.entity_id 
_pdbx_nonpoly_scheme.mon_id 
_pdbx_nonpoly_scheme.ndb_seq_num 
_pdbx_nonpoly_scheme.pdb_seq_num 
_pdbx_nonpoly_scheme.auth_seq_num 
_pdbx_nonpoly_scheme.pdb_mon_id 
_pdbx_nonpoly_scheme.auth_mon_id 
_pdbx_nonpoly_scheme.pdb_strand_id 
_pdbx_nonpoly_scheme.pdb_ins_code 
C 3 HOH 1  120 1  HOH HOH A . 
C 3 HOH 2  121 2  HOH HOH A . 
C 3 HOH 3  122 3  HOH HOH A . 
C 3 HOH 4  123 4  HOH HOH A . 
C 3 HOH 5  124 5  HOH HOH A . 
C 3 HOH 6  125 6  HOH HOH A . 
C 3 HOH 7  126 7  HOH HOH A . 
C 3 HOH 8  127 9  HOH HOH A . 
C 3 HOH 9  128 10 HOH HOH A . 
C 3 HOH 10 129 11 HOH HOH A . 
C 3 HOH 11 130 12 HOH HOH A . 
C 3 HOH 12 131 13 HOH HOH A . 
C 3 HOH 13 132 14 HOH HOH A . 
C 3 HOH 14 133 15 HOH HOH A . 
C 3 HOH 15 134 19 HOH HOH A . 
C 3 HOH 16 135 21 HOH HOH A . 
C 3 HOH 17 136 22 HOH HOH A . 
C 3 HOH 18 137 23 HOH HOH A . 
C 3 HOH 19 138 24 HOH HOH A . 
C 3 HOH 20 139 25 HOH HOH A . 
C 3 HOH 21 140 26 HOH HOH A . 
C 3 HOH 22 141 27 HOH HOH A . 
C 3 HOH 23 142 28 HOH HOH A . 
C 3 HOH 24 143 29 HOH HOH A . 
C 3 HOH 25 144 30 HOH HOH A . 
C 3 HOH 26 145 31 HOH HOH A . 
C 3 HOH 27 146 32 HOH HOH A . 
C 3 HOH 28 147 33 HOH HOH A . 
C 3 HOH 29 148 34 HOH HOH A . 
C 3 HOH 30 149 35 HOH HOH A . 
C 3 HOH 31 150 36 HOH HOH A . 
C 3 HOH 32 151 37 HOH HOH A . 
C 3 HOH 33 152 38 HOH HOH A . 
C 3 HOH 34 153 39 HOH HOH A . 
C 3 HOH 35 154 40 HOH HOH A . 
D 3 HOH 1  30  8  HOH HOH B . 
D 3 HOH 2  31  16 HOH HOH B . 
D 3 HOH 3  32  17 HOH HOH B . 
D 3 HOH 4  33  18 HOH HOH B . 
D 3 HOH 5  34  20 HOH HOH B . 
# 
loop_
_software.name 
_software.classification 
_software.version 
_software.citation_id 
_software.pdbx_ordinal 
X-PLOR refinement       3.1 ? 1 
TNT    refinement       .   ? 2 
X-PLOR 'model building' 3.1 ? 3 
HKL    'data reduction' .   ? 4 
X-PLOR phasing          3.1 ? 5 
# 
_cell.entry_id           1YCQ 
_cell.length_a           84.960 
_cell.length_b           84.960 
_cell.length_c           63.890 
_cell.angle_alpha        90.00 
_cell.angle_beta         90.00 
_cell.angle_gamma        120.00 
_cell.Z_PDB              12 
_cell.pdbx_unique_axis   ? 
# 
_symmetry.entry_id                         1YCQ 
_symmetry.space_group_name_H-M             'P 63 2 2' 
_symmetry.pdbx_full_space_group_name_H-M   ? 
_symmetry.cell_setting                     ? 
_symmetry.Int_Tables_number                182 
# 
_exptl.entry_id          1YCQ 
_exptl.method            'X-RAY DIFFRACTION' 
_exptl.crystals_number   ? 
# 
_exptl_crystal.id                    1 
_exptl_crystal.density_meas          ? 
_exptl_crystal.density_Matthews      2.35 
_exptl_crystal.density_percent_sol   47.56 
_exptl_crystal.description           ? 
# 
_diffrn.id                     1 
_diffrn.ambient_temp           ? 
_diffrn.ambient_temp_details   ? 
_diffrn.crystal_id             1 
# 
_diffrn_detector.diffrn_id              1 
_diffrn_detector.detector               'IMAGE PLATE' 
_diffrn_detector.type                   'RIGAKU RAXIS IIC' 
_diffrn_detector.pdbx_collection_date   1996-04-01 
_diffrn_detector.details                ? 
# 
_diffrn_radiation.diffrn_id                        1 
_diffrn_radiation.wavelength_id                    1 
_diffrn_radiation.pdbx_monochromatic_or_laue_m_l   M 
_diffrn_radiation.monochromator                    ? 
_diffrn_radiation.pdbx_diffrn_protocol             ? 
_diffrn_radiation.pdbx_scattering_type             x-ray 
# 
_diffrn_radiation_wavelength.id           1 
_diffrn_radiation_wavelength.wavelength   1.5418 
_diffrn_radiation_wavelength.wt           1.0 
# 
_diffrn_source.diffrn_id                   1 
_diffrn_source.source                      ? 
_diffrn_source.type                        ? 
_diffrn_source.pdbx_synchrotron_site       ? 
_diffrn_source.pdbx_synchrotron_beamline   ? 
_diffrn_source.pdbx_wavelength             1.5418 
_diffrn_source.pdbx_wavelength_list        ? 
# 
_reflns.entry_id                     1YCQ 
_reflns.observed_criterion_sigma_I   0.0 
_reflns.observed_criterion_sigma_F   ? 
_reflns.d_resolution_low             ? 
_reflns.d_resolution_high            ? 
_reflns.number_obs                   6257 
_reflns.number_all                   ? 
_reflns.percent_possible_obs         97.0 
_reflns.pdbx_Rmerge_I_obs            0.0550000 
_reflns.pdbx_Rsym_value              ? 
_reflns.pdbx_netI_over_sigmaI        ? 
_reflns.B_iso_Wilson_estimate        ? 
_reflns.pdbx_redundancy              2.5 
_reflns.pdbx_diffrn_id               1 
_reflns.pdbx_ordinal                 1 
# 
_refine.entry_id                                 1YCQ 
_refine.ls_number_reflns_obs                     5423 
_refine.ls_number_reflns_all                     ? 
_refine.pdbx_ls_sigma_I                          ? 
_refine.pdbx_ls_sigma_F                          2. 
_refine.pdbx_data_cutoff_high_absF               ? 
_refine.pdbx_data_cutoff_low_absF                ? 
_refine.pdbx_data_cutoff_high_rms_absF           ? 
_refine.ls_d_res_low                             7. 
_refine.ls_d_res_high                            2.3 
_refine.ls_percent_reflns_obs                    97.0 
_refine.ls_R_factor_obs                          0.1880000 
_refine.ls_R_factor_all                          ? 
_refine.ls_R_factor_R_work                       0.1880000 
_refine.ls_R_factor_R_free                       0.2530000 
_refine.ls_R_factor_R_free_error                 ? 
_refine.ls_R_factor_R_free_error_details         ? 
_refine.ls_percent_reflns_R_free                 ? 
_refine.ls_number_reflns_R_free                  ? 
_refine.ls_number_parameters                     ? 
_refine.ls_number_restraints                     ? 
_refine.occupancy_min                            ? 
_refine.occupancy_max                            ? 
_refine.B_iso_mean                               ? 
_refine.aniso_B[1][1]                            ? 
_refine.aniso_B[2][2]                            ? 
_refine.aniso_B[3][3]                            ? 
_refine.aniso_B[1][2]                            ? 
_refine.aniso_B[1][3]                            ? 
_refine.aniso_B[2][3]                            ? 
_refine.solvent_model_details                    ? 
_refine.solvent_model_param_ksol                 ? 
_refine.solvent_model_param_bsol                 ? 
_refine.pdbx_ls_cross_valid_method               ? 
_refine.details                                  ? 
_refine.pdbx_starting_model                      ? 
_refine.pdbx_method_to_determine_struct          ? 
_refine.pdbx_isotropic_thermal_model             ? 
_refine.pdbx_stereochemistry_target_values       ? 
_refine.pdbx_stereochem_target_val_spec_case     ? 
_refine.pdbx_R_Free_selection_details            ? 
_refine.pdbx_overall_ESU_R                       ? 
_refine.pdbx_overall_ESU_R_Free                  ? 
_refine.overall_SU_ML                            ? 
_refine.overall_SU_B                             ? 
_refine.pdbx_refine_id                           'X-RAY DIFFRACTION' 
_refine.pdbx_diffrn_id                           1 
_refine.pdbx_TLS_residual_ADP_flag               ? 
_refine.correlation_coeff_Fo_to_Fc               ? 
_refine.correlation_coeff_Fo_to_Fc_free          ? 
_refine.pdbx_solvent_vdw_probe_radii             ? 
_refine.pdbx_solvent_ion_probe_radii             ? 
_refine.pdbx_solvent_shrinkage_radii             ? 
_refine.pdbx_overall_phase_error                 ? 
_refine.overall_SU_R_Cruickshank_DPI             ? 
_refine.pdbx_overall_SU_R_free_Cruickshank_DPI   ? 
_refine.pdbx_overall_SU_R_Blow_DPI               ? 
_refine.pdbx_overall_SU_R_free_Blow_DPI          ? 
# 
_refine_hist.pdbx_refine_id                   'X-RAY DIFFRACTION' 
_refine_hist.cycle_id                         LAST 
_refine_hist.pdbx_number_atoms_protein        801 
_refine_hist.pdbx_number_atoms_nucleic_acid   0 
_refine_hist.pdbx_number_atoms_ligand         0 
_refine_hist.number_atoms_solvent             40 
_refine_hist.number_atoms_total               841 
_refine_hist.d_res_high                       2.3 
_refine_hist.d_res_low                        7. 
# 
loop_
_refine_ls_restr.type 
_refine_ls_restr.dev_ideal 
_refine_ls_restr.dev_ideal_target 
_refine_ls_restr.weight 
_refine_ls_restr.number 
_refine_ls_restr.pdbx_refine_id 
_refine_ls_restr.pdbx_restraint_function 
x_bond_d                0.010 ? ? ? 'X-RAY DIFFRACTION' ? 
x_bond_d_na             ?     ? ? ? 'X-RAY DIFFRACTION' ? 
x_bond_d_prot           ?     ? ? ? 'X-RAY DIFFRACTION' ? 
x_angle_d               ?     ? ? ? 'X-RAY DIFFRACTION' ? 
x_angle_d_na            ?     ? ? ? 'X-RAY DIFFRACTION' ? 
x_angle_d_prot          ?     ? ? ? 'X-RAY DIFFRACTION' ? 
x_angle_deg             1.39  ? ? ? 'X-RAY DIFFRACTION' ? 
x_angle_deg_na          ?     ? ? ? 'X-RAY DIFFRACTION' ? 
x_angle_deg_prot        ?     ? ? ? 'X-RAY DIFFRACTION' ? 
x_dihedral_angle_d      ?     ? ? ? 'X-RAY DIFFRACTION' ? 
x_dihedral_angle_d_na   ?     ? ? ? 'X-RAY DIFFRACTION' ? 
x_dihedral_angle_d_prot ?     ? ? ? 'X-RAY DIFFRACTION' ? 
x_improper_angle_d      ?     ? ? ? 'X-RAY DIFFRACTION' ? 
x_improper_angle_d_na   ?     ? ? ? 'X-RAY DIFFRACTION' ? 
x_improper_angle_d_prot ?     ? ? ? 'X-RAY DIFFRACTION' ? 
x_mcbond_it             ?     ? ? ? 'X-RAY DIFFRACTION' ? 
x_mcangle_it            ?     ? ? ? 'X-RAY DIFFRACTION' ? 
x_scbond_it             ?     ? ? ? 'X-RAY DIFFRACTION' ? 
x_scangle_it            ?     ? ? ? 'X-RAY DIFFRACTION' ? 
# 
_struct.entry_id                  1YCQ 
_struct.title                     'XENOPUS LAEVIS MDM2 BOUND TO THE TRANSACTIVATION DOMAIN OF HUMAN P53' 
_struct.pdbx_model_details        ? 
_struct.pdbx_CASP_flag            ? 
_struct.pdbx_model_type_details   ? 
# 
_struct_keywords.entry_id        1YCQ 
_struct_keywords.pdbx_keywords   'COMPLEX (ONCOGENE PROTEIN/PEPTIDE)' 
_struct_keywords.text            
;ANTI-ONCOGENE, DNA-BINDING, TRANSCRIPTION REGULATION, NUCLEAR PROTEIN, COMPLEX (ONCOGENE PROTEIN-PEPTIDE), PHOSPHORYLATION, ACTIVATOR, COMPLEX (ONCOGENE PROTEIN-PEPTIDE) complex
;
# 
loop_
_struct_asym.id 
_struct_asym.pdbx_blank_PDB_chainid_flag 
_struct_asym.pdbx_modified 
_struct_asym.entity_id 
_struct_asym.details 
A N N 1 ? 
B N N 2 ? 
C N N 3 ? 
D N N 3 ? 
# 
loop_
_struct_ref.id 
_struct_ref.db_name 
_struct_ref.db_code 
_struct_ref.entity_id 
_struct_ref.pdbx_db_accession 
_struct_ref.pdbx_align_begin 
_struct_ref.pdbx_seq_one_letter_code 
_struct_ref.pdbx_db_isoform 
1 UNP MDM2_XENLA 1 P56273 1 
;MNLTSTTNCLENNHISTSDQEKLVQPTPLLLSLLKSAGAQKETFTMKEVIYHLGQYIMAKQLYDEKQQHIVHCSNDPLGE
LFGVQEFSVKEPRRLYAMISRNLVSANVKESSEDIFGNVCCFPDKQSSQKEKLQELPDKLIAPASDSKPCNLSQRKSSNE
TEEISSVDHPAEQQRKRHKSDSFSLTFDESLSWWVISGLRCDRNSSESTDSSSNSDPERHSTNDNSEHDSDQFSVEFEVE
SVCSDDYSPSGDEHGVSEEEEINDEVYQVTIYETEESETDSFDVDTEISEADYWKCPECGEVNPPLPSYCPRCWTVRKDW
LPEQRRKEPPPSKRKLLEIEEDEGFDVPDCKKSKLTSSQDTNVDKKEAENIQNSESQETEDCSQPSTSGSIASCSQEVTK
EDSSKESMESSLPLTSIDPCVICQTRPKNGCIVHGRTGHLMACYTCAKKLKKRNKPCPVCREPIQMIVLTYFS
;
? 
2 UNP P53_HUMAN  2 P04637 1 
;MEEPQSDPSVEPPLSQETFSDLWKLLPENNVLSPLPSQAMDDLMLSPDDIEQWFTEDPGPDEAPRMPEAAPPVAPAPAAP
TPAAPAPAPSWPLSSSVPSQKTYQGSYGFRLGFLHSGTAKSVTCTYSPALNKMFCQLAKTCPVQLWVDSTPPPGTRVRAM
AIYKQSQHMTEVVRRCPHHERCSDSDGLAPPQHLIRVEGNLRVEYLDDRNTFRHSVVVPYEPPEVGSDCTTIHYNYMCNS
SCMGGMNRRPILTIITLEDSSGNLLGRNSFEVRVCACPGRDRRTEEENLRKKGEPHHELPPGSTKRALPNNTSSSPQPKK
KPLDGEYFTLQIRGRERFEMFRELNEALELKDAQAGKEPGGSRAHSSHLKSKKGQSTSRHKKLMFKTEGPDSD
;
? 
# 
loop_
_struct_ref_seq.align_id 
_struct_ref_seq.ref_id 
_struct_ref_seq.pdbx_PDB_id_code 
_struct_ref_seq.pdbx_strand_id 
_struct_ref_seq.seq_align_beg 
_struct_ref_seq.pdbx_seq_align_beg_ins_code 
_struct_ref_seq.seq_align_end 
_struct_ref_seq.pdbx_seq_align_end_ins_code 
_struct_ref_seq.pdbx_db_accession 
_struct_ref_seq.db_align_beg 
_struct_ref_seq.pdbx_db_align_beg_ins_code 
_struct_ref_seq.db_align_end 
_struct_ref_seq.pdbx_db_align_end_ins_code 
_struct_ref_seq.pdbx_auth_seq_align_beg 
_struct_ref_seq.pdbx_auth_seq_align_end 
1 1 1YCQ A 1 ? 107 ? P56273 13 ? 119 ? 13 119 
2 2 1YCQ B 1 ? 17  ? P04637 13 ? 29  ? 13 29  
# 
_pdbx_struct_assembly.id                   1 
_pdbx_struct_assembly.details              author_defined_assembly 
_pdbx_struct_assembly.method_details       ? 
_pdbx_struct_assembly.oligomeric_details   tetrameric 
_pdbx_struct_assembly.oligomeric_count     4 
# 
_pdbx_struct_assembly_gen.assembly_id       1 
_pdbx_struct_assembly_gen.oper_expression   1,2 
_pdbx_struct_assembly_gen.asym_id_list      A,B,C,D 
# 
loop_
_pdbx_struct_oper_list.id 
_pdbx_struct_oper_list.type 
_pdbx_struct_oper_list.name 
_pdbx_struct_oper_list.symmetry_operation 
_pdbx_struct_oper_list.matrix[1][1] 
_pdbx_struct_oper_list.matrix[1][2] 
_pdbx_struct_oper_list.matrix[1][3] 
_pdbx_struct_oper_list.vector[1] 
_pdbx_struct_oper_list.matrix[2][1] 
_pdbx_struct_oper_list.matrix[2][2] 
_pdbx_struct_oper_list.matrix[2][3] 
_pdbx_struct_oper_list.vector[2] 
_pdbx_struct_oper_list.matrix[3][1] 
_pdbx_struct_oper_list.matrix[3][2] 
_pdbx_struct_oper_list.matrix[3][3] 
_pdbx_struct_oper_list.vector[3] 
1 'identity operation'         1_555 x,y,z            1.0000000000  0.0000000000  0.0000000000 0.0000000000  0.0000000000  1.0000000000  0.0000000000  0.0000000000  0.0000000000 0.0000000000  1.0000000000 0.0000000000  
2 'crystal symmetry operation' 9_766 -x+2,-x+y+1,-z+1 -0.4707915226 -0.3056617424 0.8276027075 22.1576658808 -0.3056617424 -0.8234550187 -0.4780091333 15.7920444307 0.8276027075 -0.4780091333 0.2942465413 -8.3361264323 
# 
_struct_biol.id   1 
# 
loop_
_struct_conf.conf_type_id 
_struct_conf.id 
_struct_conf.pdbx_PDB_helix_id 
_struct_conf.beg_label_comp_id 
_struct_conf.beg_label_asym_id 
_struct_conf.beg_label_seq_id 
_struct_conf.pdbx_beg_PDB_ins_code 
_struct_conf.end_label_comp_id 
_struct_conf.end_label_asym_id 
_struct_conf.end_label_seq_id 
_struct_conf.pdbx_end_PDB_ins_code 
_struct_conf.beg_auth_comp_id 
_struct_conf.beg_auth_asym_id 
_struct_conf.beg_auth_seq_id 
_struct_conf.end_auth_comp_id 
_struct_conf.end_auth_asym_id 
_struct_conf.end_auth_seq_id 
_struct_conf.pdbx_PDB_helix_class 
_struct_conf.details 
_struct_conf.pdbx_PDB_helix_length 
HELX_P HELX_P1 1 PRO A 16 ? ALA A 25 ? PRO A 28 ALA A 37  1 ? 10 
HELX_P HELX_P2 2 MET A 34 ? LYS A 48 ? MET A 46 LYS A 60  1 ? 15 
HELX_P HELX_P3 3 PRO A 65 ? PHE A 70 ? PRO A 77 PHE A 82  1 ? 6  
HELX_P HELX_P4 4 PRO A 80 ? ASN A 90 ? PRO A 92 ASN A 102 1 ? 11 
HELX_P HELX_P5 5 PHE B 7  ? LEU B 13 ? PHE B 19 LEU B 25  1 ? 7  
# 
_struct_conf_type.id          HELX_P 
_struct_conf_type.criteria    ? 
_struct_conf_type.reference   ? 
# 
_struct_sheet.id               A 
_struct_sheet.type             ? 
_struct_sheet.number_strands   2 
_struct_sheet.details          ? 
# 
_struct_sheet_order.sheet_id     A 
_struct_sheet_order.range_id_1   1 
_struct_sheet_order.range_id_2   2 
_struct_sheet_order.offset       ? 
_struct_sheet_order.sense        anti-parallel 
# 
loop_
_struct_sheet_range.sheet_id 
_struct_sheet_range.id 
_struct_sheet_range.beg_label_comp_id 
_struct_sheet_range.beg_label_asym_id 
_struct_sheet_range.beg_label_seq_id 
_struct_sheet_range.pdbx_beg_PDB_ins_code 
_struct_sheet_range.end_label_comp_id 
_struct_sheet_range.end_label_asym_id 
_struct_sheet_range.end_label_seq_id 
_struct_sheet_range.pdbx_end_PDB_ins_code 
_struct_sheet_range.beg_auth_comp_id 
_struct_sheet_range.beg_auth_asym_id 
_struct_sheet_range.beg_auth_seq_id 
_struct_sheet_range.end_auth_comp_id 
_struct_sheet_range.end_auth_asym_id 
_struct_sheet_range.end_auth_seq_id 
A 1 ILE A 58 ? HIS A 60 ? ILE A 70 HIS A 72 
A 2 GLU A 74 ? SER A 76 ? GLU A 86 SER A 88 
# 
_pdbx_struct_sheet_hbond.sheet_id                A 
_pdbx_struct_sheet_hbond.range_id_1              1 
_pdbx_struct_sheet_hbond.range_id_2              2 
_pdbx_struct_sheet_hbond.range_1_label_atom_id   O 
_pdbx_struct_sheet_hbond.range_1_label_comp_id   VAL 
_pdbx_struct_sheet_hbond.range_1_label_asym_id   A 
_pdbx_struct_sheet_hbond.range_1_label_seq_id    59 
_pdbx_struct_sheet_hbond.range_1_PDB_ins_code    ? 
_pdbx_struct_sheet_hbond.range_1_auth_atom_id    O 
_pdbx_struct_sheet_hbond.range_1_auth_comp_id    VAL 
_pdbx_struct_sheet_hbond.range_1_auth_asym_id    A 
_pdbx_struct_sheet_hbond.range_1_auth_seq_id     71 
_pdbx_struct_sheet_hbond.range_2_label_atom_id   N 
_pdbx_struct_sheet_hbond.range_2_label_comp_id   PHE 
_pdbx_struct_sheet_hbond.range_2_label_asym_id   A 
_pdbx_struct_sheet_hbond.range_2_label_seq_id    75 
_pdbx_struct_sheet_hbond.range_2_PDB_ins_code    ? 
_pdbx_struct_sheet_hbond.range_2_auth_atom_id    N 
_pdbx_struct_sheet_hbond.range_2_auth_comp_id    PHE 
_pdbx_struct_sheet_hbond.range_2_auth_asym_id    A 
_pdbx_struct_sheet_hbond.range_2_auth_seq_id     87 
# 
_pdbx_validate_torsion.id              1 
_pdbx_validate_torsion.PDB_model_num   1 
_pdbx_validate_torsion.auth_comp_id    ARG 
_pdbx_validate_torsion.auth_asym_id    A 
_pdbx_validate_torsion.auth_seq_id     101 
_pdbx_validate_torsion.PDB_ins_code    ? 
_pdbx_validate_torsion.label_alt_id    ? 
_pdbx_validate_torsion.phi             -69.20 
_pdbx_validate_torsion.psi             3.58 
# 
loop_
_pdbx_unobs_or_zero_occ_residues.id 
_pdbx_unobs_or_zero_occ_residues.PDB_model_num 
_pdbx_unobs_or_zero_occ_residues.polymer_flag 
_pdbx_unobs_or_zero_occ_residues.occupancy_flag 
_pdbx_unobs_or_zero_occ_residues.auth_asym_id 
_pdbx_unobs_or_zero_occ_residues.auth_comp_id 
_pdbx_unobs_or_zero_occ_residues.auth_seq_id 
_pdbx_unobs_or_zero_occ_residues.PDB_ins_code 
_pdbx_unobs_or_zero_occ_residues.label_asym_id 
_pdbx_unobs_or_zero_occ_residues.label_comp_id 
_pdbx_unobs_or_zero_occ_residues.label_seq_id 
1  1 Y 1 A ASN 13  ? A ASN 1   
2  1 Y 1 A HIS 14  ? A HIS 2   
3  1 Y 1 A ILE 15  ? A ILE 3   
4  1 Y 1 A SER 16  ? A SER 4   
5  1 Y 1 A THR 17  ? A THR 5   
6  1 Y 1 A SER 18  ? A SER 6   
7  1 Y 1 A ASP 19  ? A ASP 7   
8  1 Y 1 A GLN 20  ? A GLN 8   
9  1 Y 1 A LYS 109 ? A LYS 97  
10 1 Y 1 A GLU 110 ? A GLU 98  
11 1 Y 1 A SER 111 ? A SER 99  
12 1 Y 1 A SER 112 ? A SER 100 
13 1 Y 1 A GLU 113 ? A GLU 101 
14 1 Y 1 A ASP 114 ? A ASP 102 
15 1 Y 1 A ILE 115 ? A ILE 103 
16 1 Y 1 A PHE 116 ? A PHE 104 
17 1 Y 1 A GLY 117 ? A GLY 105 
18 1 Y 1 A ASN 118 ? A ASN 106 
19 1 Y 1 A VAL 119 ? A VAL 107 
20 1 Y 1 B PRO 13  ? B PRO 1   
21 1 Y 1 B LEU 14  ? B LEU 2   
22 1 Y 1 B SER 15  ? B SER 3   
23 1 Y 1 B GLN 16  ? B GLN 4   
24 1 Y 1 B GLU 28  ? B GLU 16  
25 1 Y 1 B ASN 29  ? B ASN 17  
# 
loop_
_chem_comp_atom.comp_id 
_chem_comp_atom.atom_id 
_chem_comp_atom.type_symbol 
_chem_comp_atom.pdbx_aromatic_flag 
_chem_comp_atom.pdbx_stereo_config 
_chem_comp_atom.pdbx_ordinal 
ALA N    N N N 1   
ALA CA   C N S 2   
ALA C    C N N 3   
ALA O    O N N 4   
ALA CB   C N N 5   
ALA OXT  O N N 6   
ALA H    H N N 7   
ALA H2   H N N 8   
ALA HA   H N N 9   
ALA HB1  H N N 10  
ALA HB2  H N N 11  
ALA HB3  H N N 12  
ALA HXT  H N N 13  
ARG N    N N N 14  
ARG CA   C N S 15  
ARG C    C N N 16  
ARG O    O N N 17  
ARG CB   C N N 18  
ARG CG   C N N 19  
ARG CD   C N N 20  
ARG NE   N N N 21  
ARG CZ   C N N 22  
ARG NH1  N N N 23  
ARG NH2  N N N 24  
ARG OXT  O N N 25  
ARG H    H N N 26  
ARG H2   H N N 27  
ARG HA   H N N 28  
ARG HB2  H N N 29  
ARG HB3  H N N 30  
ARG HG2  H N N 31  
ARG HG3  H N N 32  
ARG HD2  H N N 33  
ARG HD3  H N N 34  
ARG HE   H N N 35  
ARG HH11 H N N 36  
ARG HH12 H N N 37  
ARG HH21 H N N 38  
ARG HH22 H N N 39  
ARG HXT  H N N 40  
ASN N    N N N 41  
ASN CA   C N S 42  
ASN C    C N N 43  
ASN O    O N N 44  
ASN CB   C N N 45  
ASN CG   C N N 46  
ASN OD1  O N N 47  
ASN ND2  N N N 48  
ASN OXT  O N N 49  
ASN H    H N N 50  
ASN H2   H N N 51  
ASN HA   H N N 52  
ASN HB2  H N N 53  
ASN HB3  H N N 54  
ASN HD21 H N N 55  
ASN HD22 H N N 56  
ASN HXT  H N N 57  
ASP N    N N N 58  
ASP CA   C N S 59  
ASP C    C N N 60  
ASP O    O N N 61  
ASP CB   C N N 62  
ASP CG   C N N 63  
ASP OD1  O N N 64  
ASP OD2  O N N 65  
ASP OXT  O N N 66  
ASP H    H N N 67  
ASP H2   H N N 68  
ASP HA   H N N 69  
ASP HB2  H N N 70  
ASP HB3  H N N 71  
ASP HD2  H N N 72  
ASP HXT  H N N 73  
CYS N    N N N 74  
CYS CA   C N R 75  
CYS C    C N N 76  
CYS O    O N N 77  
CYS CB   C N N 78  
CYS SG   S N N 79  
CYS OXT  O N N 80  
CYS H    H N N 81  
CYS H2   H N N 82  
CYS HA   H N N 83  
CYS HB2  H N N 84  
CYS HB3  H N N 85  
CYS HG   H N N 86  
CYS HXT  H N N 87  
GLN N    N N N 88  
GLN CA   C N S 89  
GLN C    C N N 90  
GLN O    O N N 91  
GLN CB   C N N 92  
GLN CG   C N N 93  
GLN CD   C N N 94  
GLN OE1  O N N 95  
GLN NE2  N N N 96  
GLN OXT  O N N 97  
GLN H    H N N 98  
GLN H2   H N N 99  
GLN HA   H N N 100 
GLN HB2  H N N 101 
GLN HB3  H N N 102 
GLN HG2  H N N 103 
GLN HG3  H N N 104 
GLN HE21 H N N 105 
GLN HE22 H N N 106 
GLN HXT  H N N 107 
GLU N    N N N 108 
GLU CA   C N S 109 
GLU C    C N N 110 
GLU O    O N N 111 
GLU CB   C N N 112 
GLU CG   C N N 113 
GLU CD   C N N 114 
GLU OE1  O N N 115 
GLU OE2  O N N 116 
GLU OXT  O N N 117 
GLU H    H N N 118 
GLU H2   H N N 119 
GLU HA   H N N 120 
GLU HB2  H N N 121 
GLU HB3  H N N 122 
GLU HG2  H N N 123 
GLU HG3  H N N 124 
GLU HE2  H N N 125 
GLU HXT  H N N 126 
GLY N    N N N 127 
GLY CA   C N N 128 
GLY C    C N N 129 
GLY O    O N N 130 
GLY OXT  O N N 131 
GLY H    H N N 132 
GLY H2   H N N 133 
GLY HA2  H N N 134 
GLY HA3  H N N 135 
GLY HXT  H N N 136 
HIS N    N N N 137 
HIS CA   C N S 138 
HIS C    C N N 139 
HIS O    O N N 140 
HIS CB   C N N 141 
HIS CG   C Y N 142 
HIS ND1  N Y N 143 
HIS CD2  C Y N 144 
HIS CE1  C Y N 145 
HIS NE2  N Y N 146 
HIS OXT  O N N 147 
HIS H    H N N 148 
HIS H2   H N N 149 
HIS HA   H N N 150 
HIS HB2  H N N 151 
HIS HB3  H N N 152 
HIS HD1  H N N 153 
HIS HD2  H N N 154 
HIS HE1  H N N 155 
HIS HE2  H N N 156 
HIS HXT  H N N 157 
HOH O    O N N 158 
HOH H1   H N N 159 
HOH H2   H N N 160 
ILE N    N N N 161 
ILE CA   C N S 162 
ILE C    C N N 163 
ILE O    O N N 164 
ILE CB   C N S 165 
ILE CG1  C N N 166 
ILE CG2  C N N 167 
ILE CD1  C N N 168 
ILE OXT  O N N 169 
ILE H    H N N 170 
ILE H2   H N N 171 
ILE HA   H N N 172 
ILE HB   H N N 173 
ILE HG12 H N N 174 
ILE HG13 H N N 175 
ILE HG21 H N N 176 
ILE HG22 H N N 177 
ILE HG23 H N N 178 
ILE HD11 H N N 179 
ILE HD12 H N N 180 
ILE HD13 H N N 181 
ILE HXT  H N N 182 
LEU N    N N N 183 
LEU CA   C N S 184 
LEU C    C N N 185 
LEU O    O N N 186 
LEU CB   C N N 187 
LEU CG   C N N 188 
LEU CD1  C N N 189 
LEU CD2  C N N 190 
LEU OXT  O N N 191 
LEU H    H N N 192 
LEU H2   H N N 193 
LEU HA   H N N 194 
LEU HB2  H N N 195 
LEU HB3  H N N 196 
LEU HG   H N N 197 
LEU HD11 H N N 198 
LEU HD12 H N N 199 
LEU HD13 H N N 200 
LEU HD21 H N N 201 
LEU HD22 H N N 202 
LEU HD23 H N N 203 
LEU HXT  H N N 204 
LYS N    N N N 205 
LYS CA   C N S 206 
LYS C    C N N 207 
LYS O    O N N 208 
LYS CB   C N N 209 
LYS CG   C N N 210 
LYS CD   C N N 211 
LYS CE   C N N 212 
LYS NZ   N N N 213 
LYS OXT  O N N 214 
LYS H    H N N 215 
LYS H2   H N N 216 
LYS HA   H N N 217 
LYS HB2  H N N 218 
LYS HB3  H N N 219 
LYS HG2  H N N 220 
LYS HG3  H N N 221 
LYS HD2  H N N 222 
LYS HD3  H N N 223 
LYS HE2  H N N 224 
LYS HE3  H N N 225 
LYS HZ1  H N N 226 
LYS HZ2  H N N 227 
LYS HZ3  H N N 228 
LYS HXT  H N N 229 
MET N    N N N 230 
MET CA   C N S 231 
MET C    C N N 232 
MET O    O N N 233 
MET CB   C N N 234 
MET CG   C N N 235 
MET SD   S N N 236 
MET CE   C N N 237 
MET OXT  O N N 238 
MET H    H N N 239 
MET H2   H N N 240 
MET HA   H N N 241 
MET HB2  H N N 242 
MET HB3  H N N 243 
MET HG2  H N N 244 
MET HG3  H N N 245 
MET HE1  H N N 246 
MET HE2  H N N 247 
MET HE3  H N N 248 
MET HXT  H N N 249 
PHE N    N N N 250 
PHE CA   C N S 251 
PHE C    C N N 252 
PHE O    O N N 253 
PHE CB   C N N 254 
PHE CG   C Y N 255 
PHE CD1  C Y N 256 
PHE CD2  C Y N 257 
PHE CE1  C Y N 258 
PHE CE2  C Y N 259 
PHE CZ   C Y N 260 
PHE OXT  O N N 261 
PHE H    H N N 262 
PHE H2   H N N 263 
PHE HA   H N N 264 
PHE HB2  H N N 265 
PHE HB3  H N N 266 
PHE HD1  H N N 267 
PHE HD2  H N N 268 
PHE HE1  H N N 269 
PHE HE2  H N N 270 
PHE HZ   H N N 271 
PHE HXT  H N N 272 
PRO N    N N N 273 
PRO CA   C N S 274 
PRO C    C N N 275 
PRO O    O N N 276 
PRO CB   C N N 277 
PRO CG   C N N 278 
PRO CD   C N N 279 
PRO OXT  O N N 280 
PRO H    H N N 281 
PRO HA   H N N 282 
PRO HB2  H N N 283 
PRO HB3  H N N 284 
PRO HG2  H N N 285 
PRO HG3  H N N 286 
PRO HD2  H N N 287 
PRO HD3  H N N 288 
PRO HXT  H N N 289 
SER N    N N N 290 
SER CA   C N S 291 
SER C    C N N 292 
SER O    O N N 293 
SER CB   C N N 294 
SER OG   O N N 295 
SER OXT  O N N 296 
SER H    H N N 297 
SER H2   H N N 298 
SER HA   H N N 299 
SER HB2  H N N 300 
SER HB3  H N N 301 
SER HG   H N N 302 
SER HXT  H N N 303 
THR N    N N N 304 
THR CA   C N S 305 
THR C    C N N 306 
THR O    O N N 307 
THR CB   C N R 308 
THR OG1  O N N 309 
THR CG2  C N N 310 
THR OXT  O N N 311 
THR H    H N N 312 
THR H2   H N N 313 
THR HA   H N N 314 
THR HB   H N N 315 
THR HG1  H N N 316 
THR HG21 H N N 317 
THR HG22 H N N 318 
THR HG23 H N N 319 
THR HXT  H N N 320 
TRP N    N N N 321 
TRP CA   C N S 322 
TRP C    C N N 323 
TRP O    O N N 324 
TRP CB   C N N 325 
TRP CG   C Y N 326 
TRP CD1  C Y N 327 
TRP CD2  C Y N 328 
TRP NE1  N Y N 329 
TRP CE2  C Y N 330 
TRP CE3  C Y N 331 
TRP CZ2  C Y N 332 
TRP CZ3  C Y N 333 
TRP CH2  C Y N 334 
TRP OXT  O N N 335 
TRP H    H N N 336 
TRP H2   H N N 337 
TRP HA   H N N 338 
TRP HB2  H N N 339 
TRP HB3  H N N 340 
TRP HD1  H N N 341 
TRP HE1  H N N 342 
TRP HE3  H N N 343 
TRP HZ2  H N N 344 
TRP HZ3  H N N 345 
TRP HH2  H N N 346 
TRP HXT  H N N 347 
TYR N    N N N 348 
TYR CA   C N S 349 
TYR C    C N N 350 
TYR O    O N N 351 
TYR CB   C N N 352 
TYR CG   C Y N 353 
TYR CD1  C Y N 354 
TYR CD2  C Y N 355 
TYR CE1  C Y N 356 
TYR CE2  C Y N 357 
TYR CZ   C Y N 358 
TYR OH   O N N 359 
TYR OXT  O N N 360 
TYR H    H N N 361 
TYR H2   H N N 362 
TYR HA   H N N 363 
TYR HB2  H N N 364 
TYR HB3  H N N 365 
TYR HD1  H N N 366 
TYR HD2  H N N 367 
TYR HE1  H N N 368 
TYR HE2  H N N 369 
TYR HH   H N N 370 
TYR HXT  H N N 371 
VAL N    N N N 372 
VAL CA   C N S 373 
VAL C    C N N 374 
VAL O    O N N 375 
VAL CB   C N N 376 
VAL CG1  C N N 377 
VAL CG2  C N N 378 
VAL OXT  O N N 379 
VAL H    H N N 380 
VAL H2   H N N 381 
VAL HA   H N N 382 
VAL HB   H N N 383 
VAL HG11 H N N 384 
VAL HG12 H N N 385 
VAL HG13 H N N 386 
VAL HG21 H N N 387 
VAL HG22 H N N 388 
VAL HG23 H N N 389 
VAL HXT  H N N 390 
# 
loop_
_chem_comp_bond.comp_id 
_chem_comp_bond.atom_id_1 
_chem_comp_bond.atom_id_2 
_chem_comp_bond.value_order 
_chem_comp_bond.pdbx_aromatic_flag 
_chem_comp_bond.pdbx_stereo_config 
_chem_comp_bond.pdbx_ordinal 
ALA N   CA   sing N N 1   
ALA N   H    sing N N 2   
ALA N   H2   sing N N 3   
ALA CA  C    sing N N 4   
ALA CA  CB   sing N N 5   
ALA CA  HA   sing N N 6   
ALA C   O    doub N N 7   
ALA C   OXT  sing N N 8   
ALA CB  HB1  sing N N 9   
ALA CB  HB2  sing N N 10  
ALA CB  HB3  sing N N 11  
ALA OXT HXT  sing N N 12  
ARG N   CA   sing N N 13  
ARG N   H    sing N N 14  
ARG N   H2   sing N N 15  
ARG CA  C    sing N N 16  
ARG CA  CB   sing N N 17  
ARG CA  HA   sing N N 18  
ARG C   O    doub N N 19  
ARG C   OXT  sing N N 20  
ARG CB  CG   sing N N 21  
ARG CB  HB2  sing N N 22  
ARG CB  HB3  sing N N 23  
ARG CG  CD   sing N N 24  
ARG CG  HG2  sing N N 25  
ARG CG  HG3  sing N N 26  
ARG CD  NE   sing N N 27  
ARG CD  HD2  sing N N 28  
ARG CD  HD3  sing N N 29  
ARG NE  CZ   sing N N 30  
ARG NE  HE   sing N N 31  
ARG CZ  NH1  sing N N 32  
ARG CZ  NH2  doub N N 33  
ARG NH1 HH11 sing N N 34  
ARG NH1 HH12 sing N N 35  
ARG NH2 HH21 sing N N 36  
ARG NH2 HH22 sing N N 37  
ARG OXT HXT  sing N N 38  
ASN N   CA   sing N N 39  
ASN N   H    sing N N 40  
ASN N   H2   sing N N 41  
ASN CA  C    sing N N 42  
ASN CA  CB   sing N N 43  
ASN CA  HA   sing N N 44  
ASN C   O    doub N N 45  
ASN C   OXT  sing N N 46  
ASN CB  CG   sing N N 47  
ASN CB  HB2  sing N N 48  
ASN CB  HB3  sing N N 49  
ASN CG  OD1  doub N N 50  
ASN CG  ND2  sing N N 51  
ASN ND2 HD21 sing N N 52  
ASN ND2 HD22 sing N N 53  
ASN OXT HXT  sing N N 54  
ASP N   CA   sing N N 55  
ASP N   H    sing N N 56  
ASP N   H2   sing N N 57  
ASP CA  C    sing N N 58  
ASP CA  CB   sing N N 59  
ASP CA  HA   sing N N 60  
ASP C   O    doub N N 61  
ASP C   OXT  sing N N 62  
ASP CB  CG   sing N N 63  
ASP CB  HB2  sing N N 64  
ASP CB  HB3  sing N N 65  
ASP CG  OD1  doub N N 66  
ASP CG  OD2  sing N N 67  
ASP OD2 HD2  sing N N 68  
ASP OXT HXT  sing N N 69  
CYS N   CA   sing N N 70  
CYS N   H    sing N N 71  
CYS N   H2   sing N N 72  
CYS CA  C    sing N N 73  
CYS CA  CB   sing N N 74  
CYS CA  HA   sing N N 75  
CYS C   O    doub N N 76  
CYS C   OXT  sing N N 77  
CYS CB  SG   sing N N 78  
CYS CB  HB2  sing N N 79  
CYS CB  HB3  sing N N 80  
CYS SG  HG   sing N N 81  
CYS OXT HXT  sing N N 82  
GLN N   CA   sing N N 83  
GLN N   H    sing N N 84  
GLN N   H2   sing N N 85  
GLN CA  C    sing N N 86  
GLN CA  CB   sing N N 87  
GLN CA  HA   sing N N 88  
GLN C   O    doub N N 89  
GLN C   OXT  sing N N 90  
GLN CB  CG   sing N N 91  
GLN CB  HB2  sing N N 92  
GLN CB  HB3  sing N N 93  
GLN CG  CD   sing N N 94  
GLN CG  HG2  sing N N 95  
GLN CG  HG3  sing N N 96  
GLN CD  OE1  doub N N 97  
GLN CD  NE2  sing N N 98  
GLN NE2 HE21 sing N N 99  
GLN NE2 HE22 sing N N 100 
GLN OXT HXT  sing N N 101 
GLU N   CA   sing N N 102 
GLU N   H    sing N N 103 
GLU N   H2   sing N N 104 
GLU CA  C    sing N N 105 
GLU CA  CB   sing N N 106 
GLU CA  HA   sing N N 107 
GLU C   O    doub N N 108 
GLU C   OXT  sing N N 109 
GLU CB  CG   sing N N 110 
GLU CB  HB2  sing N N 111 
GLU CB  HB3  sing N N 112 
GLU CG  CD   sing N N 113 
GLU CG  HG2  sing N N 114 
GLU CG  HG3  sing N N 115 
GLU CD  OE1  doub N N 116 
GLU CD  OE2  sing N N 117 
GLU OE2 HE2  sing N N 118 
GLU OXT HXT  sing N N 119 
GLY N   CA   sing N N 120 
GLY N   H    sing N N 121 
GLY N   H2   sing N N 122 
GLY CA  C    sing N N 123 
GLY CA  HA2  sing N N 124 
GLY CA  HA3  sing N N 125 
GLY C   O    doub N N 126 
GLY C   OXT  sing N N 127 
GLY OXT HXT  sing N N 128 
HIS N   CA   sing N N 129 
HIS N   H    sing N N 130 
HIS N   H2   sing N N 131 
HIS CA  C    sing N N 132 
HIS CA  CB   sing N N 133 
HIS CA  HA   sing N N 134 
HIS C   O    doub N N 135 
HIS C   OXT  sing N N 136 
HIS CB  CG   sing N N 137 
HIS CB  HB2  sing N N 138 
HIS CB  HB3  sing N N 139 
HIS CG  ND1  sing Y N 140 
HIS CG  CD2  doub Y N 141 
HIS ND1 CE1  doub Y N 142 
HIS ND1 HD1  sing N N 143 
HIS CD2 NE2  sing Y N 144 
HIS CD2 HD2  sing N N 145 
HIS CE1 NE2  sing Y N 146 
HIS CE1 HE1  sing N N 147 
HIS NE2 HE2  sing N N 148 
HIS OXT HXT  sing N N 149 
HOH O   H1   sing N N 150 
HOH O   H2   sing N N 151 
ILE N   CA   sing N N 152 
ILE N   H    sing N N 153 
ILE N   H2   sing N N 154 
ILE CA  C    sing N N 155 
ILE CA  CB   sing N N 156 
ILE CA  HA   sing N N 157 
ILE C   O    doub N N 158 
ILE C   OXT  sing N N 159 
ILE CB  CG1  sing N N 160 
ILE CB  CG2  sing N N 161 
ILE CB  HB   sing N N 162 
ILE CG1 CD1  sing N N 163 
ILE CG1 HG12 sing N N 164 
ILE CG1 HG13 sing N N 165 
ILE CG2 HG21 sing N N 166 
ILE CG2 HG22 sing N N 167 
ILE CG2 HG23 sing N N 168 
ILE CD1 HD11 sing N N 169 
ILE CD1 HD12 sing N N 170 
ILE CD1 HD13 sing N N 171 
ILE OXT HXT  sing N N 172 
LEU N   CA   sing N N 173 
LEU N   H    sing N N 174 
LEU N   H2   sing N N 175 
LEU CA  C    sing N N 176 
LEU CA  CB   sing N N 177 
LEU CA  HA   sing N N 178 
LEU C   O    doub N N 179 
LEU C   OXT  sing N N 180 
LEU CB  CG   sing N N 181 
LEU CB  HB2  sing N N 182 
LEU CB  HB3  sing N N 183 
LEU CG  CD1  sing N N 184 
LEU CG  CD2  sing N N 185 
LEU CG  HG   sing N N 186 
LEU CD1 HD11 sing N N 187 
LEU CD1 HD12 sing N N 188 
LEU CD1 HD13 sing N N 189 
LEU CD2 HD21 sing N N 190 
LEU CD2 HD22 sing N N 191 
LEU CD2 HD23 sing N N 192 
LEU OXT HXT  sing N N 193 
LYS N   CA   sing N N 194 
LYS N   H    sing N N 195 
LYS N   H2   sing N N 196 
LYS CA  C    sing N N 197 
LYS CA  CB   sing N N 198 
LYS CA  HA   sing N N 199 
LYS C   O    doub N N 200 
LYS C   OXT  sing N N 201 
LYS CB  CG   sing N N 202 
LYS CB  HB2  sing N N 203 
LYS CB  HB3  sing N N 204 
LYS CG  CD   sing N N 205 
LYS CG  HG2  sing N N 206 
LYS CG  HG3  sing N N 207 
LYS CD  CE   sing N N 208 
LYS CD  HD2  sing N N 209 
LYS CD  HD3  sing N N 210 
LYS CE  NZ   sing N N 211 
LYS CE  HE2  sing N N 212 
LYS CE  HE3  sing N N 213 
LYS NZ  HZ1  sing N N 214 
LYS NZ  HZ2  sing N N 215 
LYS NZ  HZ3  sing N N 216 
LYS OXT HXT  sing N N 217 
MET N   CA   sing N N 218 
MET N   H    sing N N 219 
MET N   H2   sing N N 220 
MET CA  C    sing N N 221 
MET CA  CB   sing N N 222 
MET CA  HA   sing N N 223 
MET C   O    doub N N 224 
MET C   OXT  sing N N 225 
MET CB  CG   sing N N 226 
MET CB  HB2  sing N N 227 
MET CB  HB3  sing N N 228 
MET CG  SD   sing N N 229 
MET CG  HG2  sing N N 230 
MET CG  HG3  sing N N 231 
MET SD  CE   sing N N 232 
MET CE  HE1  sing N N 233 
MET CE  HE2  sing N N 234 
MET CE  HE3  sing N N 235 
MET OXT HXT  sing N N 236 
PHE N   CA   sing N N 237 
PHE N   H    sing N N 238 
PHE N   H2   sing N N 239 
PHE CA  C    sing N N 240 
PHE CA  CB   sing N N 241 
PHE CA  HA   sing N N 242 
PHE C   O    doub N N 243 
PHE C   OXT  sing N N 244 
PHE CB  CG   sing N N 245 
PHE CB  HB2  sing N N 246 
PHE CB  HB3  sing N N 247 
PHE CG  CD1  doub Y N 248 
PHE CG  CD2  sing Y N 249 
PHE CD1 CE1  sing Y N 250 
PHE CD1 HD1  sing N N 251 
PHE CD2 CE2  doub Y N 252 
PHE CD2 HD2  sing N N 253 
PHE CE1 CZ   doub Y N 254 
PHE CE1 HE1  sing N N 255 
PHE CE2 CZ   sing Y N 256 
PHE CE2 HE2  sing N N 257 
PHE CZ  HZ   sing N N 258 
PHE OXT HXT  sing N N 259 
PRO N   CA   sing N N 260 
PRO N   CD   sing N N 261 
PRO N   H    sing N N 262 
PRO CA  C    sing N N 263 
PRO CA  CB   sing N N 264 
PRO CA  HA   sing N N 265 
PRO C   O    doub N N 266 
PRO C   OXT  sing N N 267 
PRO CB  CG   sing N N 268 
PRO CB  HB2  sing N N 269 
PRO CB  HB3  sing N N 270 
PRO CG  CD   sing N N 271 
PRO CG  HG2  sing N N 272 
PRO CG  HG3  sing N N 273 
PRO CD  HD2  sing N N 274 
PRO CD  HD3  sing N N 275 
PRO OXT HXT  sing N N 276 
SER N   CA   sing N N 277 
SER N   H    sing N N 278 
SER N   H2   sing N N 279 
SER CA  C    sing N N 280 
SER CA  CB   sing N N 281 
SER CA  HA   sing N N 282 
SER C   O    doub N N 283 
SER C   OXT  sing N N 284 
SER CB  OG   sing N N 285 
SER CB  HB2  sing N N 286 
SER CB  HB3  sing N N 287 
SER OG  HG   sing N N 288 
SER OXT HXT  sing N N 289 
THR N   CA   sing N N 290 
THR N   H    sing N N 291 
THR N   H2   sing N N 292 
THR CA  C    sing N N 293 
THR CA  CB   sing N N 294 
THR CA  HA   sing N N 295 
THR C   O    doub N N 296 
THR C   OXT  sing N N 297 
THR CB  OG1  sing N N 298 
THR CB  CG2  sing N N 299 
THR CB  HB   sing N N 300 
THR OG1 HG1  sing N N 301 
THR CG2 HG21 sing N N 302 
THR CG2 HG22 sing N N 303 
THR CG2 HG23 sing N N 304 
THR OXT HXT  sing N N 305 
TRP N   CA   sing N N 306 
TRP N   H    sing N N 307 
TRP N   H2   sing N N 308 
TRP CA  C    sing N N 309 
TRP CA  CB   sing N N 310 
TRP CA  HA   sing N N 311 
TRP C   O    doub N N 312 
TRP C   OXT  sing N N 313 
TRP CB  CG   sing N N 314 
TRP CB  HB2  sing N N 315 
TRP CB  HB3  sing N N 316 
TRP CG  CD1  doub Y N 317 
TRP CG  CD2  sing Y N 318 
TRP CD1 NE1  sing Y N 319 
TRP CD1 HD1  sing N N 320 
TRP CD2 CE2  doub Y N 321 
TRP CD2 CE3  sing Y N 322 
TRP NE1 CE2  sing Y N 323 
TRP NE1 HE1  sing N N 324 
TRP CE2 CZ2  sing Y N 325 
TRP CE3 CZ3  doub Y N 326 
TRP CE3 HE3  sing N N 327 
TRP CZ2 CH2  doub Y N 328 
TRP CZ2 HZ2  sing N N 329 
TRP CZ3 CH2  sing Y N 330 
TRP CZ3 HZ3  sing N N 331 
TRP CH2 HH2  sing N N 332 
TRP OXT HXT  sing N N 333 
TYR N   CA   sing N N 334 
TYR N   H    sing N N 335 
TYR N   H2   sing N N 336 
TYR CA  C    sing N N 337 
TYR CA  CB   sing N N 338 
TYR CA  HA   sing N N 339 
TYR C   O    doub N N 340 
TYR C   OXT  sing N N 341 
TYR CB  CG   sing N N 342 
TYR CB  HB2  sing N N 343 
TYR CB  HB3  sing N N 344 
TYR CG  CD1  doub Y N 345 
TYR CG  CD2  sing Y N 346 
TYR CD1 CE1  sing Y N 347 
TYR CD1 HD1  sing N N 348 
TYR CD2 CE2  doub Y N 349 
TYR CD2 HD2  sing N N 350 
TYR CE1 CZ   doub Y N 351 
TYR CE1 HE1  sing N N 352 
TYR CE2 CZ   sing Y N 353 
TYR CE2 HE2  sing N N 354 
TYR CZ  OH   sing N N 355 
TYR OH  HH   sing N N 356 
TYR OXT HXT  sing N N 357 
VAL N   CA   sing N N 358 
VAL N   H    sing N N 359 
VAL N   H2   sing N N 360 
VAL CA  C    sing N N 361 
VAL CA  CB   sing N N 362 
VAL CA  HA   sing N N 363 
VAL C   O    doub N N 364 
VAL C   OXT  sing N N 365 
VAL CB  CG1  sing N N 366 
VAL CB  CG2  sing N N 367 
VAL CB  HB   sing N N 368 
VAL CG1 HG11 sing N N 369 
VAL CG1 HG12 sing N N 370 
VAL CG1 HG13 sing N N 371 
VAL CG2 HG21 sing N N 372 
VAL CG2 HG22 sing N N 373 
VAL CG2 HG23 sing N N 374 
VAL OXT HXT  sing N N 375 
# 
_atom_sites.entry_id                    1YCQ 
_atom_sites.fract_transf_matrix[1][1]   0.00975536 
_atom_sites.fract_transf_matrix[1][2]   0.00900355 
_atom_sites.fract_transf_matrix[1][3]   -0.00291336 
_atom_sites.fract_transf_matrix[2][1]   -0.00117676 
_atom_sites.fract_transf_matrix[2][2]   0.00799865 
_atom_sites.fract_transf_matrix[2][3]   -0.01092484 
_atom_sites.fract_transf_matrix[3][1]   -0.00734424 
_atom_sites.fract_transf_matrix[3][2]   0.01076343 
_atom_sites.fract_transf_matrix[3][3]   0.00867155 
_atom_sites.fract_transf_vector[1]      0.808682 
_atom_sites.fract_transf_vector[2]      0.269014 
_atom_sites.fract_transf_vector[3]      0.532524 
# 
loop_
_atom_type.symbol 
C 
N 
O 
S 
# 
loop_
_atom_site.group_PDB 
_atom_site.id 
_atom_site.type_symbol 
_atom_site.label_atom_id 
_atom_site.label_alt_id 
_atom_site.label_comp_id 
_atom_site.label_asym_id 
_atom_site.label_entity_id 
_atom_site.label_seq_id 
_atom_site.pdbx_PDB_ins_code 
_atom_site.Cartn_x 
_atom_site.Cartn_y 
_atom_site.Cartn_z 
_atom_site.occupancy 
_atom_site.B_iso_or_equiv 
_atom_site.pdbx_formal_charge 
_atom_site.auth_seq_id 
_atom_site.auth_comp_id 
_atom_site.auth_asym_id 
_atom_site.auth_atom_id 
_atom_site.pdbx_PDB_model_num 
ATOM   1   N N   . GLU A 1 9  ? 6.910   -16.133 6.796   1.00 67.55 ? 21  GLU A N   1 
ATOM   2   C CA  . GLU A 1 9  ? 5.661   -15.673 7.473   1.00 67.57 ? 21  GLU A CA  1 
ATOM   3   C C   . GLU A 1 9  ? 4.455   -16.200 6.693   1.00 63.39 ? 21  GLU A C   1 
ATOM   4   O O   . GLU A 1 9  ? 4.634   -16.874 5.678   1.00 61.96 ? 21  GLU A O   1 
ATOM   5   C CB  . GLU A 1 9  ? 5.619   -14.145 7.548   1.00 71.76 ? 21  GLU A CB  1 
ATOM   6   C CG  . GLU A 1 9  ? 6.768   -13.524 8.333   1.00 75.72 ? 21  GLU A CG  1 
ATOM   7   C CD  . GLU A 1 9  ? 7.798   -12.847 7.445   1.00 78.50 ? 21  GLU A CD  1 
ATOM   8   O OE1 . GLU A 1 9  ? 7.400   -11.997 6.614   1.00 80.00 ? 21  GLU A OE1 1 
ATOM   9   O OE2 . GLU A 1 9  ? 9.004   -13.155 7.589   1.00 78.76 ? 21  GLU A OE2 1 
ATOM   10  N N   . LYS A 1 10 ? 3.245   -15.924 7.181   1.00 60.16 ? 22  LYS A N   1 
ATOM   11  C CA  . LYS A 1 10 ? 2.028   -16.384 6.514   1.00 55.07 ? 22  LYS A CA  1 
ATOM   12  C C   . LYS A 1 10 ? 1.861   -15.728 5.157   1.00 46.79 ? 22  LYS A C   1 
ATOM   13  O O   . LYS A 1 10 ? 2.369   -14.634 4.909   1.00 45.21 ? 22  LYS A O   1 
ATOM   14  C CB  . LYS A 1 10 ? 0.788   -16.119 7.373   1.00 58.67 ? 22  LYS A CB  1 
ATOM   15  C CG  . LYS A 1 10 ? 0.749   -16.955 8.644   1.00 64.47 ? 22  LYS A CG  1 
ATOM   16  C CD  . LYS A 1 10 ? -0.676  -17.226 9.144   1.00 68.98 ? 22  LYS A CD  1 
ATOM   17  C CE  . LYS A 1 10 ? -1.364  -15.984 9.717   1.00 71.52 ? 22  LYS A CE  1 
ATOM   18  N NZ  . LYS A 1 10 ? -2.724  -16.305 10.261  1.00 72.49 ? 22  LYS A NZ  1 
ATOM   19  N N   . LEU A 1 11 ? 1.205   -16.428 4.250   1.00 41.63 ? 23  LEU A N   1 
ATOM   20  C CA  . LEU A 1 11 ? 0.980   -15.881 2.934   1.00 37.63 ? 23  LEU A CA  1 
ATOM   21  C C   . LEU A 1 11 ? -0.429  -15.310 2.879   1.00 35.88 ? 23  LEU A C   1 
ATOM   22  O O   . LEU A 1 11 ? -1.347  -15.806 3.546   1.00 37.10 ? 23  LEU A O   1 
ATOM   23  C CB  . LEU A 1 11 ? 1.198   -16.945 1.866   1.00 35.89 ? 23  LEU A CB  1 
ATOM   24  C CG  . LEU A 1 11 ? 2.645   -17.427 1.778   1.00 36.73 ? 23  LEU A CG  1 
ATOM   25  C CD1 . LEU A 1 11 ? 2.825   -18.268 0.517   1.00 37.27 ? 23  LEU A CD1 1 
ATOM   26  C CD2 . LEU A 1 11 ? 3.599   -16.243 1.754   1.00 35.61 ? 23  LEU A CD2 1 
ATOM   27  N N   . VAL A 1 12 ? -0.579  -14.223 2.132   1.00 29.90 ? 24  VAL A N   1 
ATOM   28  C CA  . VAL A 1 12 ? -1.862  -13.561 1.998   1.00 23.31 ? 24  VAL A CA  1 
ATOM   29  C C   . VAL A 1 12 ? -2.174  -13.459 0.519   1.00 22.83 ? 24  VAL A C   1 
ATOM   30  O O   . VAL A 1 12 ? -1.278  -13.350 -0.316  1.00 22.87 ? 24  VAL A O   1 
ATOM   31  C CB  . VAL A 1 12 ? -1.840  -12.145 2.622   1.00 17.96 ? 24  VAL A CB  1 
ATOM   32  C CG1 . VAL A 1 12 ? -1.233  -12.195 4.023   1.00 16.86 ? 24  VAL A CG1 1 
ATOM   33  C CG2 . VAL A 1 12 ? -1.053  -11.172 1.750   1.00 14.10 ? 24  VAL A CG2 1 
ATOM   34  N N   . GLN A 1 13 ? -3.449  -13.514 0.193   1.00 21.45 ? 25  GLN A N   1 
ATOM   35  C CA  . GLN A 1 13 ? -3.853  -13.426 -1.181  1.00 21.37 ? 25  GLN A CA  1 
ATOM   36  C C   . GLN A 1 13 ? -4.658  -12.147 -1.385  1.00 19.51 ? 25  GLN A C   1 
ATOM   37  O O   . GLN A 1 13 ? -5.774  -12.033 -0.890  1.00 18.38 ? 25  GLN A O   1 
ATOM   38  C CB  . GLN A 1 13 ? -4.697  -14.649 -1.529  1.00 23.62 ? 25  GLN A CB  1 
ATOM   39  C CG  . GLN A 1 13 ? -5.166  -14.725 -2.961  1.00 26.82 ? 25  GLN A CG  1 
ATOM   40  C CD  . GLN A 1 13 ? -6.240  -15.778 -3.150  1.00 35.03 ? 25  GLN A CD  1 
ATOM   41  O OE1 . GLN A 1 13 ? -7.105  -15.640 -4.011  1.00 39.37 ? 25  GLN A OE1 1 
ATOM   42  N NE2 . GLN A 1 13 ? -6.210  -16.827 -2.329  1.00 37.09 ? 25  GLN A NE2 1 
ATOM   43  N N   . PRO A 1 14 ? -4.060  -11.137 -2.029  1.00 19.44 ? 26  PRO A N   1 
ATOM   44  C CA  . PRO A 1 14 ? -4.754  -9.870  -2.289  1.00 18.83 ? 26  PRO A CA  1 
ATOM   45  C C   . PRO A 1 14 ? -5.928  -10.012 -3.284  1.00 20.94 ? 26  PRO A C   1 
ATOM   46  O O   . PRO A 1 14 ? -5.987  -10.968 -4.055  1.00 23.85 ? 26  PRO A O   1 
ATOM   47  C CB  . PRO A 1 14 ? -3.632  -8.977  -2.843  1.00 16.65 ? 26  PRO A CB  1 
ATOM   48  C CG  . PRO A 1 14 ? -2.607  -9.957  -3.372  1.00 16.96 ? 26  PRO A CG  1 
ATOM   49  C CD  . PRO A 1 14 ? -2.620  -11.021 -2.337  1.00 17.74 ? 26  PRO A CD  1 
ATOM   50  N N   . THR A 1 15 ? -6.901  -9.103  -3.202  1.00 19.95 ? 27  THR A N   1 
ATOM   51  C CA  . THR A 1 15 ? -8.053  -9.100  -4.107  1.00 16.21 ? 27  THR A CA  1 
ATOM   52  C C   . THR A 1 15 ? -7.541  -8.702  -5.498  1.00 16.11 ? 27  THR A C   1 
ATOM   53  O O   . THR A 1 15 ? -6.416  -8.217  -5.631  1.00 18.10 ? 27  THR A O   1 
ATOM   54  C CB  . THR A 1 15 ? -9.131  -8.077  -3.618  1.00 18.05 ? 27  THR A CB  1 
ATOM   55  O OG1 . THR A 1 15 ? -8.525  -6.803  -3.368  1.00 19.91 ? 27  THR A OG1 1 
ATOM   56  C CG2 . THR A 1 15 ? -9.804  -8.565  -2.348  1.00 14.44 ? 27  THR A CG2 1 
ATOM   57  N N   . PRO A 1 16 ? -8.352  -8.880  -6.558  1.00 15.35 ? 28  PRO A N   1 
ATOM   58  C CA  . PRO A 1 16 ? -7.879  -8.509  -7.900  1.00 11.62 ? 28  PRO A CA  1 
ATOM   59  C C   . PRO A 1 16 ? -7.308  -7.098  -8.050  1.00 11.72 ? 28  PRO A C   1 
ATOM   60  O O   . PRO A 1 16 ? -6.295  -6.916  -8.708  1.00 13.12 ? 28  PRO A O   1 
ATOM   61  C CB  . PRO A 1 16 ? -9.127  -8.714  -8.764  1.00 11.18 ? 28  PRO A CB  1 
ATOM   62  C CG  . PRO A 1 16 ? -9.791  -9.857  -8.125  1.00 10.68 ? 28  PRO A CG  1 
ATOM   63  C CD  . PRO A 1 16 ? -9.677  -9.523  -6.640  1.00 12.33 ? 28  PRO A CD  1 
ATOM   64  N N   . LEU A 1 17 ? -7.959  -6.106  -7.442  1.00 15.16 ? 29  LEU A N   1 
ATOM   65  C CA  . LEU A 1 17 ? -7.517  -4.702  -7.526  1.00 13.43 ? 29  LEU A CA  1 
ATOM   66  C C   . LEU A 1 17 ? -6.185  -4.472  -6.847  1.00 11.42 ? 29  LEU A C   1 
ATOM   67  O O   . LEU A 1 17 ? -5.302  -3.861  -7.421  1.00 14.76 ? 29  LEU A O   1 
ATOM   68  C CB  . LEU A 1 17 ? -8.564  -3.731  -6.948  1.00 14.44 ? 29  LEU A CB  1 
ATOM   69  C CG  . LEU A 1 17 ? -8.172  -2.242  -6.984  1.00 14.56 ? 29  LEU A CG  1 
ATOM   70  C CD1 . LEU A 1 17 ? -7.845  -1.811  -8.390  1.00 13.63 ? 29  LEU A CD1 1 
ATOM   71  C CD2 . LEU A 1 17 ? -9.301  -1.373  -6.421  1.00 16.74 ? 29  LEU A CD2 1 
ATOM   72  N N   . LEU A 1 18 ? -6.061  -4.921  -5.606  1.00 10.29 ? 30  LEU A N   1 
ATOM   73  C CA  . LEU A 1 18 ? -4.815  -4.786  -4.884  1.00 11.04 ? 30  LEU A CA  1 
ATOM   74  C C   . LEU A 1 18 ? -3.714  -5.542  -5.665  1.00 16.14 ? 30  LEU A C   1 
ATOM   75  O O   . LEU A 1 18 ? -2.588  -5.054  -5.806  1.00 21.47 ? 30  LEU A O   1 
ATOM   76  C CB  . LEU A 1 18 ? -4.981  -5.340  -3.471  1.00 9.85  ? 30  LEU A CB  1 
ATOM   77  C CG  . LEU A 1 18 ? -3.778  -5.223  -2.543  1.00 11.61 ? 30  LEU A CG  1 
ATOM   78  C CD1 . LEU A 1 18 ? -3.141  -3.844  -2.635  1.00 11.29 ? 30  LEU A CD1 1 
ATOM   79  C CD2 . LEU A 1 18 ? -4.244  -5.516  -1.139  1.00 12.62 ? 30  LEU A CD2 1 
ATOM   80  N N   . LEU A 1 19 ? -4.063  -6.690  -6.240  1.00 15.61 ? 31  LEU A N   1 
ATOM   81  C CA  . LEU A 1 19 ? -3.099  -7.456  -7.018  1.00 16.09 ? 31  LEU A CA  1 
ATOM   82  C C   . LEU A 1 19 ? -2.607  -6.640  -8.213  1.00 14.93 ? 31  LEU A C   1 
ATOM   83  O O   . LEU A 1 19 ? -1.408  -6.600  -8.472  1.00 16.70 ? 31  LEU A O   1 
ATOM   84  C CB  . LEU A 1 19 ? -3.701  -8.774  -7.528  1.00 17.22 ? 31  LEU A CB  1 
ATOM   85  C CG  . LEU A 1 19 ? -2.857  -10.079 -7.544  1.00 17.64 ? 31  LEU A CG  1 
ATOM   86  C CD1 . LEU A 1 19 ? -3.371  -10.974 -8.620  1.00 13.81 ? 31  LEU A CD1 1 
ATOM   87  C CD2 . LEU A 1 19 ? -1.374  -9.877  -7.735  1.00 15.96 ? 31  LEU A CD2 1 
ATOM   88  N N   . SER A 1 20 ? -3.508  -5.971  -8.931  1.00 11.92 ? 32  SER A N   1 
ATOM   89  C CA  . SER A 1 20 ? -3.079  -5.209  -10.098 1.00 11.98 ? 32  SER A CA  1 
ATOM   90  C C   . SER A 1 20 ? -2.152  -4.056  -9.760  1.00 14.07 ? 32  SER A C   1 
ATOM   91  O O   . SER A 1 20 ? -1.290  -3.708  -10.558 1.00 18.04 ? 32  SER A O   1 
ATOM   92  C CB  . SER A 1 20 ? -4.267  -4.718  -10.916 1.00 15.97 ? 32  SER A CB  1 
ATOM   93  O OG  . SER A 1 20 ? -4.839  -3.565  -10.342 1.00 22.25 ? 32  SER A OG  1 
ATOM   94  N N   . LEU A 1 21 ? -2.295  -3.472  -8.575  1.00 13.35 ? 33  LEU A N   1 
ATOM   95  C CA  . LEU A 1 21 ? -1.419  -2.367  -8.196  1.00 14.20 ? 33  LEU A CA  1 
ATOM   96  C C   . LEU A 1 21 ? -0.030  -2.910  -7.888  1.00 14.16 ? 33  LEU A C   1 
ATOM   97  O O   . LEU A 1 21 ? 0.961   -2.362  -8.327  1.00 14.96 ? 33  LEU A O   1 
ATOM   98  C CB  . LEU A 1 21 ? -1.973  -1.595  -6.982  1.00 15.25 ? 33  LEU A CB  1 
ATOM   99  C CG  . LEU A 1 21 ? -3.402  -1.025  -7.099  1.00 16.28 ? 33  LEU A CG  1 
ATOM   100 C CD1 . LEU A 1 21 ? -3.677  -0.058  -5.951  1.00 14.72 ? 33  LEU A CD1 1 
ATOM   101 C CD2 . LEU A 1 21 ? -3.601  -0.330  -8.431  1.00 18.12 ? 33  LEU A CD2 1 
ATOM   102 N N   . LEU A 1 22 ? 0.037   -3.979  -7.105  1.00 16.91 ? 34  LEU A N   1 
ATOM   103 C CA  . LEU A 1 22 ? 1.317   -4.587  -6.762  1.00 19.20 ? 34  LEU A CA  1 
ATOM   104 C C   . LEU A 1 22 ? 2.047   -5.012  -8.044  1.00 22.56 ? 34  LEU A C   1 
ATOM   105 O O   . LEU A 1 22 ? 3.218   -4.699  -8.224  1.00 24.27 ? 34  LEU A O   1 
ATOM   106 C CB  . LEU A 1 22 ? 1.109   -5.782  -5.825  1.00 18.81 ? 34  LEU A CB  1 
ATOM   107 C CG  . LEU A 1 22 ? 0.351   -5.496  -4.514  1.00 19.63 ? 34  LEU A CG  1 
ATOM   108 C CD1 . LEU A 1 22 ? 0.309   -6.737  -3.626  1.00 17.32 ? 34  LEU A CD1 1 
ATOM   109 C CD2 . LEU A 1 22 ? 1.007   -4.338  -3.763  1.00 17.93 ? 34  LEU A CD2 1 
ATOM   110 N N   . LYS A 1 23 ? 1.337   -5.669  -8.956  1.00 24.41 ? 35  LYS A N   1 
ATOM   111 C CA  . LYS A 1 23 ? 1.909   -6.123  -10.224 1.00 24.06 ? 35  LYS A CA  1 
ATOM   112 C C   . LYS A 1 23 ? 2.474   -4.959  -11.013 1.00 22.64 ? 35  LYS A C   1 
ATOM   113 O O   . LYS A 1 23 ? 3.557   -5.064  -11.581 1.00 24.04 ? 35  LYS A O   1 
ATOM   114 C CB  . LYS A 1 23 ? 0.851   -6.816  -11.072 1.00 24.56 ? 35  LYS A CB  1 
ATOM   115 C CG  . LYS A 1 23 ? 0.368   -8.138  -10.519 1.00 29.76 ? 35  LYS A CG  1 
ATOM   116 C CD  . LYS A 1 23 ? 1.208   -9.287  -11.031 1.00 36.11 ? 35  LYS A CD  1 
ATOM   117 C CE  . LYS A 1 23 ? 0.568   -10.631 -10.706 1.00 39.79 ? 35  LYS A CE  1 
ATOM   118 N NZ  . LYS A 1 23 ? -0.801  -10.769 -11.285 1.00 41.72 ? 35  LYS A NZ  1 
ATOM   119 N N   . SER A 1 24 ? 1.750   -3.848  -11.050 1.00 21.46 ? 36  SER A N   1 
ATOM   120 C CA  . SER A 1 24 ? 2.235   -2.687  -11.789 1.00 21.83 ? 36  SER A CA  1 
ATOM   121 C C   . SER A 1 24 ? 3.442   -2.073  -11.093 1.00 26.06 ? 36  SER A C   1 
ATOM   122 O O   . SER A 1 24 ? 4.167   -1.282  -11.685 1.00 31.69 ? 36  SER A O   1 
ATOM   123 C CB  . SER A 1 24 ? 1.140   -1.625  -11.993 1.00 22.40 ? 36  SER A CB  1 
ATOM   124 O OG  . SER A 1 24 ? 0.986   -0.797  -10.852 1.00 25.38 ? 36  SER A OG  1 
ATOM   125 N N   . ALA A 1 25 ? 3.642   -2.409  -9.824  1.00 26.16 ? 37  ALA A N   1 
ATOM   126 C CA  . ALA A 1 25 ? 4.785   -1.894  -9.090  1.00 24.02 ? 37  ALA A CA  1 
ATOM   127 C C   . ALA A 1 25 ? 5.942   -2.900  -9.192  1.00 24.20 ? 37  ALA A C   1 
ATOM   128 O O   . ALA A 1 25 ? 6.927   -2.809  -8.460  1.00 24.93 ? 37  ALA A O   1 
ATOM   129 C CB  . ALA A 1 25 ? 4.407   -1.616  -7.624  1.00 21.75 ? 37  ALA A CB  1 
ATOM   130 N N   . GLY A 1 26 ? 5.806   -3.884  -10.076 1.00 23.96 ? 38  GLY A N   1 
ATOM   131 C CA  . GLY A 1 26 ? 6.873   -4.849  -10.262 1.00 22.95 ? 38  GLY A CA  1 
ATOM   132 C C   . GLY A 1 26 ? 6.764   -6.215  -9.614  1.00 23.22 ? 38  GLY A C   1 
ATOM   133 O O   . GLY A 1 26 ? 7.664   -7.020  -9.788  1.00 25.79 ? 38  GLY A O   1 
ATOM   134 N N   . ALA A 1 27 ? 5.708   -6.470  -8.845  1.00 23.33 ? 39  ALA A N   1 
ATOM   135 C CA  . ALA A 1 27 ? 5.518   -7.769  -8.199  1.00 23.99 ? 39  ALA A CA  1 
ATOM   136 C C   . ALA A 1 27 ? 5.302   -8.832  -9.269  1.00 28.05 ? 39  ALA A C   1 
ATOM   137 O O   . ALA A 1 27 ? 4.700   -8.556  -10.303 1.00 27.15 ? 39  ALA A O   1 
ATOM   138 C CB  . ALA A 1 27 ? 4.308   -7.725  -7.276  1.00 20.94 ? 39  ALA A CB  1 
ATOM   139 N N   . GLN A 1 28 ? 5.765   -10.053 -9.022  1.00 33.89 ? 40  GLN A N   1 
ATOM   140 C CA  . GLN A 1 28 ? 5.576   -11.124 -10.003 1.00 39.88 ? 40  GLN A CA  1 
ATOM   141 C C   . GLN A 1 28 ? 4.738   -12.293 -9.518  1.00 37.80 ? 40  GLN A C   1 
ATOM   142 O O   . GLN A 1 28 ? 4.374   -13.159 -10.304 1.00 38.61 ? 40  GLN A O   1 
ATOM   143 C CB  . GLN A 1 28 ? 6.920   -11.649 -10.501 1.00 46.22 ? 40  GLN A CB  1 
ATOM   144 C CG  . GLN A 1 28 ? 7.527   -10.806 -11.598 1.00 52.56 ? 40  GLN A CG  1 
ATOM   145 C CD  . GLN A 1 28 ? 8.765   -11.439 -12.185 1.00 60.18 ? 40  GLN A CD  1 
ATOM   146 O OE1 . GLN A 1 28 ? 8.622   -12.367 -13.024 1.00 63.37 ? 40  GLN A OE1 1 
ATOM   147 N NE2 . GLN A 1 28 ? 9.879   -11.012 -11.799 1.00 61.87 ? 40  GLN A NE2 1 
ATOM   148 N N   . LYS A 1 29 ? 4.412   -12.300 -8.230  1.00 34.71 ? 41  LYS A N   1 
ATOM   149 C CA  . LYS A 1 29 ? 3.646   -13.383 -7.638  1.00 31.83 ? 41  LYS A CA  1 
ATOM   150 C C   . LYS A 1 29 ? 2.164   -13.070 -7.548  1.00 31.34 ? 41  LYS A C   1 
ATOM   151 O O   . LYS A 1 29 ? 1.689   -12.075 -8.077  1.00 33.27 ? 41  LYS A O   1 
ATOM   152 C CB  . LYS A 1 29 ? 4.194   -13.691 -6.247  1.00 33.80 ? 41  LYS A CB  1 
ATOM   153 C CG  . LYS A 1 29 ? 5.704   -13.654 -6.171  1.00 35.70 ? 41  LYS A CG  1 
ATOM   154 C CD  . LYS A 1 29 ? 6.201   -14.228 -4.870  1.00 37.74 ? 41  LYS A CD  1 
ATOM   155 C CE  . LYS A 1 29 ? 5.809   -13.373 -3.694  1.00 40.11 ? 41  LYS A CE  1 
ATOM   156 N NZ  . LYS A 1 29 ? 5.988   -14.138 -2.423  1.00 43.15 ? 41  LYS A NZ  1 
ATOM   157 N N   . GLU A 1 30 ? 1.431   -13.952 -6.890  1.00 30.66 ? 42  GLU A N   1 
ATOM   158 C CA  . GLU A 1 30 ? 0.007   -13.782 -6.703  1.00 33.11 ? 42  GLU A CA  1 
ATOM   159 C C   . GLU A 1 30 ? -0.246  -13.970 -5.216  1.00 30.32 ? 42  GLU A C   1 
ATOM   160 O O   . GLU A 1 30 ? -1.351  -13.740 -4.736  1.00 31.12 ? 42  GLU A O   1 
ATOM   161 C CB  . GLU A 1 30 ? -0.761  -14.836 -7.498  1.00 41.83 ? 42  GLU A CB  1 
ATOM   162 C CG  . GLU A 1 30 ? -1.877  -14.282 -8.398  1.00 50.63 ? 42  GLU A CG  1 
ATOM   163 C CD  . GLU A 1 30 ? -1.380  -13.746 -9.744  1.00 57.06 ? 42  GLU A CD  1 
ATOM   164 O OE1 . GLU A 1 30 ? -0.185  -13.931 -10.083 1.00 60.11 ? 42  GLU A OE1 1 
ATOM   165 O OE2 . GLU A 1 30 ? -2.202  -13.149 -10.476 1.00 58.41 ? 42  GLU A OE2 1 
ATOM   166 N N   . THR A 1 31 ? 0.786   -14.435 -4.512  1.00 26.93 ? 43  THR A N   1 
ATOM   167 C CA  . THR A 1 31 ? 0.750   -14.665 -3.070  1.00 26.48 ? 43  THR A CA  1 
ATOM   168 C C   . THR A 1 31 ? 2.039   -14.060 -2.499  1.00 25.26 ? 43  THR A C   1 
ATOM   169 O O   . THR A 1 31 ? 3.106   -14.186 -3.103  1.00 29.45 ? 43  THR A O   1 
ATOM   170 C CB  . THR A 1 31 ? 0.620   -16.167 -2.758  1.00 27.32 ? 43  THR A CB  1 
ATOM   171 O OG1 . THR A 1 31 ? -0.659  -16.624 -3.221  1.00 29.51 ? 43  THR A OG1 1 
ATOM   172 C CG2 . THR A 1 31 ? 0.696   -16.419 -1.278  1.00 27.62 ? 43  THR A CG2 1 
ATOM   173 N N   . PHE A 1 32 ? 1.923   -13.317 -1.401  1.00 20.97 ? 44  PHE A N   1 
ATOM   174 C CA  . PHE A 1 32 ? 3.070   -12.626 -0.808  1.00 21.97 ? 44  PHE A CA  1 
ATOM   175 C C   . PHE A 1 32 ? 2.959   -12.659 0.694   1.00 22.62 ? 44  PHE A C   1 
ATOM   176 O O   . PHE A 1 32 ? 1.954   -13.103 1.228   1.00 27.39 ? 44  PHE A O   1 
ATOM   177 C CB  . PHE A 1 32 ? 3.034   -11.130 -1.174  1.00 21.53 ? 44  PHE A CB  1 
ATOM   178 C CG  . PHE A 1 32 ? 2.759   -10.839 -2.614  1.00 19.52 ? 44  PHE A CG  1 
ATOM   179 C CD1 . PHE A 1 32 ? 1.476   -10.955 -3.132  1.00 20.53 ? 44  PHE A CD1 1 
ATOM   180 C CD2 . PHE A 1 32 ? 3.776   -10.409 -3.453  1.00 19.85 ? 44  PHE A CD2 1 
ATOM   181 C CE1 . PHE A 1 32 ? 1.208   -10.645 -4.465  1.00 18.91 ? 44  PHE A CE1 1 
ATOM   182 C CE2 . PHE A 1 32 ? 3.521   -10.096 -4.775  1.00 18.93 ? 44  PHE A CE2 1 
ATOM   183 C CZ  . PHE A 1 32 ? 2.233   -10.217 -5.282  1.00 18.31 ? 44  PHE A CZ  1 
ATOM   184 N N   . THR A 1 33 ? 3.990   -12.187 1.384   1.00 23.53 ? 45  THR A N   1 
ATOM   185 C CA  . THR A 1 33 ? 3.926   -12.077 2.842   1.00 25.56 ? 45  THR A CA  1 
ATOM   186 C C   . THR A 1 33 ? 3.483   -10.618 3.015   1.00 23.97 ? 45  THR A C   1 
ATOM   187 O O   . THR A 1 33 ? 3.498   -9.857  2.047   1.00 23.85 ? 45  THR A O   1 
ATOM   188 C CB  . THR A 1 33 ? 5.311   -12.281 3.507   1.00 27.50 ? 45  THR A CB  1 
ATOM   189 O OG1 . THR A 1 33 ? 6.230   -11.317 2.989   1.00 31.54 ? 45  THR A OG1 1 
ATOM   190 C CG2 . THR A 1 33 ? 5.860   -13.670 3.217   1.00 26.18 ? 45  THR A CG2 1 
ATOM   191 N N   . MET A 1 34 ? 3.070   -10.218 4.212   1.00 26.97 ? 46  MET A N   1 
ATOM   192 C CA  . MET A 1 34 ? 2.655   -8.827  4.422   1.00 30.26 ? 46  MET A CA  1 
ATOM   193 C C   . MET A 1 34 ? 3.783   -7.839  4.141   1.00 29.03 ? 46  MET A C   1 
ATOM   194 O O   . MET A 1 34 ? 3.539   -6.734  3.658   1.00 29.07 ? 46  MET A O   1 
ATOM   195 C CB  . MET A 1 34 ? 2.097   -8.603  5.832   1.00 33.80 ? 46  MET A CB  1 
ATOM   196 C CG  . MET A 1 34 ? 0.576   -8.801  5.954   1.00 38.17 ? 46  MET A CG  1 
ATOM   197 S SD  . MET A 1 34 ? -0.483  -7.559  5.110   1.00 40.54 ? 46  MET A SD  1 
ATOM   198 C CE  . MET A 1 34 ? 0.562   -6.106  5.166   1.00 37.99 ? 46  MET A CE  1 
ATOM   199 N N   . LYS A 1 35 ? 5.017   -8.249  4.415   1.00 30.00 ? 47  LYS A N   1 
ATOM   200 C CA  . LYS A 1 35 ? 6.172   -7.401  4.160   1.00 33.19 ? 47  LYS A CA  1 
ATOM   201 C C   . LYS A 1 35 ? 6.363   -7.117  2.666   1.00 27.82 ? 47  LYS A C   1 
ATOM   202 O O   . LYS A 1 35 ? 6.843   -6.045  2.283   1.00 27.48 ? 47  LYS A O   1 
ATOM   203 C CB  . LYS A 1 35 ? 7.441   -8.029  4.724   1.00 42.44 ? 47  LYS A CB  1 
ATOM   204 C CG  . LYS A 1 35 ? 7.523   -8.010  6.235   1.00 52.49 ? 47  LYS A CG  1 
ATOM   205 C CD  . LYS A 1 35 ? 8.963   -8.302  6.674   1.00 59.99 ? 47  LYS A CD  1 
ATOM   206 C CE  . LYS A 1 35 ? 9.142   -8.229  8.192   1.00 64.07 ? 47  LYS A CE  1 
ATOM   207 N NZ  . LYS A 1 35 ? 10.586  -8.340  8.575   1.00 65.96 ? 47  LYS A NZ  1 
ATOM   208 N N   . GLU A 1 36 ? 6.017   -8.080  1.821   1.00 25.17 ? 48  GLU A N   1 
ATOM   209 C CA  . GLU A 1 36 ? 6.146   -7.890  0.377   1.00 25.36 ? 48  GLU A CA  1 
ATOM   210 C C   . GLU A 1 36 ? 5.034   -6.982  -0.105  1.00 22.16 ? 48  GLU A C   1 
ATOM   211 O O   . GLU A 1 36 ? 5.246   -6.150  -0.991  1.00 22.17 ? 48  GLU A O   1 
ATOM   212 C CB  . GLU A 1 36 ? 6.090   -9.221  -0.355  1.00 28.76 ? 48  GLU A CB  1 
ATOM   213 C CG  . GLU A 1 36 ? 7.238   -10.138 -0.009  1.00 32.99 ? 48  GLU A CG  1 
ATOM   214 C CD  . GLU A 1 36 ? 7.168   -11.446 -0.755  1.00 35.57 ? 48  GLU A CD  1 
ATOM   215 O OE1 . GLU A 1 36 ? 6.248   -12.245 -0.471  1.00 36.46 ? 48  GLU A OE1 1 
ATOM   216 O OE2 . GLU A 1 36 ? 8.032   -11.671 -1.625  1.00 36.87 ? 48  GLU A OE2 1 
ATOM   217 N N   . VAL A 1 37 ? 3.840   -7.167  0.454   1.00 20.40 ? 49  VAL A N   1 
ATOM   218 C CA  . VAL A 1 37 ? 2.697   -6.317  0.115   1.00 19.60 ? 49  VAL A CA  1 
ATOM   219 C C   . VAL A 1 37 ? 3.071   -4.861  0.473   1.00 20.48 ? 49  VAL A C   1 
ATOM   220 O O   . VAL A 1 37 ? 2.968   -3.956  -0.369  1.00 21.78 ? 49  VAL A O   1 
ATOM   221 C CB  . VAL A 1 37 ? 1.403   -6.737  0.887   1.00 20.55 ? 49  VAL A CB  1 
ATOM   222 C CG1 . VAL A 1 37 ? 0.241   -5.878  0.451   1.00 19.81 ? 49  VAL A CG1 1 
ATOM   223 C CG2 . VAL A 1 37 ? 1.056   -8.192  0.614   1.00 19.37 ? 49  VAL A CG2 1 
ATOM   224 N N   . ILE A 1 38 ? 3.604   -4.651  1.678   1.00 19.98 ? 50  ILE A N   1 
ATOM   225 C CA  . ILE A 1 38 ? 3.988   -3.305  2.110   1.00 19.48 ? 50  ILE A CA  1 
ATOM   226 C C   . ILE A 1 38 ? 5.108   -2.746  1.247   1.00 18.90 ? 50  ILE A C   1 
ATOM   227 O O   . ILE A 1 38 ? 5.056   -1.592  0.832   1.00 19.79 ? 50  ILE A O   1 
ATOM   228 C CB  . ILE A 1 38 ? 4.348   -3.251  3.624   1.00 20.90 ? 50  ILE A CB  1 
ATOM   229 C CG1 . ILE A 1 38 ? 3.089   -3.413  4.467   1.00 20.86 ? 50  ILE A CG1 1 
ATOM   230 C CG2 . ILE A 1 38 ? 4.947   -1.919  3.987   1.00 22.26 ? 50  ILE A CG2 1 
ATOM   231 C CD1 . ILE A 1 38 ? 2.107   -2.316  4.241   1.00 24.51 ? 50  ILE A CD1 1 
ATOM   232 N N   . TYR A 1 39 ? 6.086   -3.577  0.920   1.00 20.76 ? 51  TYR A N   1 
ATOM   233 C CA  . TYR A 1 39 ? 7.190   -3.145  0.074   1.00 19.04 ? 51  TYR A CA  1 
ATOM   234 C C   . TYR A 1 39 ? 6.685   -2.710  -1.289  1.00 20.70 ? 51  TYR A C   1 
ATOM   235 O O   . TYR A 1 39 ? 7.041   -1.637  -1.772  1.00 22.21 ? 51  TYR A O   1 
ATOM   236 C CB  . TYR A 1 39 ? 8.213   -4.263  -0.125  1.00 18.75 ? 51  TYR A CB  1 
ATOM   237 C CG  . TYR A 1 39 ? 9.250   -3.898  -1.160  1.00 20.74 ? 51  TYR A CG  1 
ATOM   238 C CD1 . TYR A 1 39 ? 10.250  -2.968  -0.870  1.00 21.31 ? 51  TYR A CD1 1 
ATOM   239 C CD2 . TYR A 1 39 ? 9.174   -4.399  -2.466  1.00 22.12 ? 51  TYR A CD2 1 
ATOM   240 C CE1 . TYR A 1 39 ? 11.143  -2.531  -1.850  1.00 22.56 ? 51  TYR A CE1 1 
ATOM   241 C CE2 . TYR A 1 39 ? 10.065  -3.965  -3.464  1.00 22.08 ? 51  TYR A CE2 1 
ATOM   242 C CZ  . TYR A 1 39 ? 11.045  -3.027  -3.144  1.00 25.19 ? 51  TYR A CZ  1 
ATOM   243 O OH  . TYR A 1 39 ? 11.914  -2.562  -4.113  1.00 29.38 ? 51  TYR A OH  1 
ATOM   244 N N   . HIS A 1 40 ? 5.864   -3.545  -1.920  1.00 21.05 ? 52  HIS A N   1 
ATOM   245 C CA  . HIS A 1 40 ? 5.347   -3.226  -3.244  1.00 20.57 ? 52  HIS A CA  1 
ATOM   246 C C   . HIS A 1 40 ? 4.448   -2.014  -3.272  1.00 21.42 ? 52  HIS A C   1 
ATOM   247 O O   . HIS A 1 40 ? 4.483   -1.250  -4.234  1.00 24.72 ? 52  HIS A O   1 
ATOM   248 C CB  . HIS A 1 40 ? 4.659   -4.434  -3.871  1.00 22.10 ? 52  HIS A CB  1 
ATOM   249 C CG  . HIS A 1 40 ? 5.614   -5.513  -4.271  1.00 23.77 ? 52  HIS A CG  1 
ATOM   250 N ND1 . HIS A 1 40 ? 6.647   -5.301  -5.160  1.00 23.41 ? 52  HIS A ND1 1 
ATOM   251 C CD2 . HIS A 1 40 ? 5.747   -6.788  -3.837  1.00 22.98 ? 52  HIS A CD2 1 
ATOM   252 C CE1 . HIS A 1 40 ? 7.378   -6.392  -5.249  1.00 22.76 ? 52  HIS A CE1 1 
ATOM   253 N NE2 . HIS A 1 40 ? 6.856   -7.312  -4.459  1.00 22.52 ? 52  HIS A NE2 1 
ATOM   254 N N   . LEU A 1 41 ? 3.681   -1.813  -2.204  1.00 19.67 ? 53  LEU A N   1 
ATOM   255 C CA  . LEU A 1 41 ? 2.783   -0.659  -2.109  1.00 17.50 ? 53  LEU A CA  1 
ATOM   256 C C   . LEU A 1 41 ? 3.593   0.662   -2.033  1.00 13.25 ? 53  LEU A C   1 
ATOM   257 O O   . LEU A 1 41 ? 3.255   1.646   -2.683  1.00 13.27 ? 53  LEU A O   1 
ATOM   258 C CB  . LEU A 1 41 ? 1.834   -0.831  -0.914  1.00 20.03 ? 53  LEU A CB  1 
ATOM   259 C CG  . LEU A 1 41 ? 0.522   -0.049  -0.924  1.00 22.16 ? 53  LEU A CG  1 
ATOM   260 C CD1 . LEU A 1 41 ? -0.308  -0.342  -2.175  1.00 21.10 ? 53  LEU A CD1 1 
ATOM   261 C CD2 . LEU A 1 41 ? -0.241  -0.402  0.322   1.00 24.00 ? 53  LEU A CD2 1 
ATOM   262 N N   . GLY A 1 42 ? 4.714   0.661   -1.318  1.00 15.08 ? 54  GLY A N   1 
ATOM   263 C CA  . GLY A 1 42 ? 5.532   1.861   -1.242  1.00 15.07 ? 54  GLY A CA  1 
ATOM   264 C C   . GLY A 1 42 ? 6.094   2.218   -2.606  1.00 16.62 ? 54  GLY A C   1 
ATOM   265 O O   . GLY A 1 42 ? 6.206   3.403   -2.952  1.00 18.13 ? 54  GLY A O   1 
ATOM   266 N N   . GLN A 1 43 ? 6.424   1.188   -3.391  1.00 15.85 ? 55  GLN A N   1 
ATOM   267 C CA  . GLN A 1 43 ? 6.962   1.364   -4.740  1.00 13.60 ? 55  GLN A CA  1 
ATOM   268 C C   . GLN A 1 43 ? 5.902   1.953   -5.666  1.00 17.14 ? 55  GLN A C   1 
ATOM   269 O O   . GLN A 1 43 ? 6.202   2.813   -6.502  1.00 21.06 ? 55  GLN A O   1 
ATOM   270 C CB  . GLN A 1 43 ? 7.489   0.034   -5.297  1.00 12.69 ? 55  GLN A CB  1 
ATOM   271 C CG  . GLN A 1 43 ? 8.747   -0.476  -4.601  1.00 13.38 ? 55  GLN A CG  1 
ATOM   272 C CD  . GLN A 1 43 ? 9.908   0.520   -4.639  1.00 15.43 ? 55  GLN A CD  1 
ATOM   273 O OE1 . GLN A 1 43 ? 10.357  0.935   -5.702  1.00 14.37 ? 55  GLN A OE1 1 
ATOM   274 N NE2 . GLN A 1 43 ? 10.397  0.900   -3.470  1.00 18.04 ? 55  GLN A NE2 1 
ATOM   275 N N   . TYR A 1 44 ? 4.656   1.511   -5.498  1.00 16.65 ? 56  TYR A N   1 
ATOM   276 C CA  . TYR A 1 44 ? 3.533   2.011   -6.296  1.00 15.36 ? 56  TYR A CA  1 
ATOM   277 C C   . TYR A 1 44 ? 3.341   3.502   -6.004  1.00 16.48 ? 56  TYR A C   1 
ATOM   278 O O   . TYR A 1 44 ? 3.205   4.326   -6.915  1.00 15.80 ? 56  TYR A O   1 
ATOM   279 C CB  . TYR A 1 44 ? 2.240   1.246   -5.938  1.00 15.71 ? 56  TYR A CB  1 
ATOM   280 C CG  . TYR A 1 44 ? 0.997   1.755   -6.653  1.00 14.69 ? 56  TYR A CG  1 
ATOM   281 C CD1 . TYR A 1 44 ? 0.743   1.398   -7.972  1.00 15.01 ? 56  TYR A CD1 1 
ATOM   282 C CD2 . TYR A 1 44 ? 0.119   2.648   -6.036  1.00 13.32 ? 56  TYR A CD2 1 
ATOM   283 C CE1 . TYR A 1 44 ? -0.335  1.911   -8.667  1.00 14.06 ? 56  TYR A CE1 1 
ATOM   284 C CE2 . TYR A 1 44 ? -0.971  3.170   -6.723  1.00 11.93 ? 56  TYR A CE2 1 
ATOM   285 C CZ  . TYR A 1 44 ? -1.189  2.800   -8.042  1.00 13.79 ? 56  TYR A CZ  1 
ATOM   286 O OH  . TYR A 1 44 ? -2.241  3.324   -8.767  1.00 13.98 ? 56  TYR A OH  1 
ATOM   287 N N   . ILE A 1 45 ? 3.351   3.842   -4.719  1.00 17.46 ? 57  ILE A N   1 
ATOM   288 C CA  . ILE A 1 45 ? 3.152   5.222   -4.292  1.00 16.76 ? 57  ILE A CA  1 
ATOM   289 C C   . ILE A 1 45 ? 4.287   6.106   -4.766  1.00 18.62 ? 57  ILE A C   1 
ATOM   290 O O   . ILE A 1 45 ? 4.073   7.257   -5.162  1.00 17.32 ? 57  ILE A O   1 
ATOM   291 C CB  . ILE A 1 45 ? 3.010   5.287   -2.779  1.00 14.92 ? 57  ILE A CB  1 
ATOM   292 C CG1 . ILE A 1 45 ? 1.752   4.505   -2.373  1.00 11.94 ? 57  ILE A CG1 1 
ATOM   293 C CG2 . ILE A 1 45 ? 2.966   6.740   -2.322  1.00 15.86 ? 57  ILE A CG2 1 
ATOM   294 C CD1 . ILE A 1 45 ? 1.703   4.104   -0.953  1.00 11.55 ? 57  ILE A CD1 1 
ATOM   295 N N   . MET A 1 46 ? 5.485   5.535   -4.745  1.00 21.74 ? 58  MET A N   1 
ATOM   296 C CA  . MET A 1 46 ? 6.708   6.193   -5.180  1.00 20.81 ? 58  MET A CA  1 
ATOM   297 C C   . MET A 1 46 ? 6.683   6.462   -6.682  1.00 20.53 ? 58  MET A C   1 
ATOM   298 O O   . MET A 1 46 ? 6.886   7.590   -7.130  1.00 22.26 ? 58  MET A O   1 
ATOM   299 C CB  . MET A 1 46 ? 7.873   5.277   -4.874  1.00 25.70 ? 58  MET A CB  1 
ATOM   300 C CG  . MET A 1 46 ? 9.194   5.954   -4.894  1.00 32.18 ? 58  MET A CG  1 
ATOM   301 S SD  . MET A 1 46 ? 9.790   6.015   -3.232  1.00 39.54 ? 58  MET A SD  1 
ATOM   302 C CE  . MET A 1 46 ? 9.928   7.783   -3.050  1.00 42.47 ? 58  MET A CE  1 
ATOM   303 N N   . ALA A 1 47 ? 6.400   5.418   -7.453  1.00 18.94 ? 59  ALA A N   1 
ATOM   304 C CA  . ALA A 1 47 ? 6.352   5.502   -8.907  1.00 17.24 ? 59  ALA A CA  1 
ATOM   305 C C   . ALA A 1 47 ? 5.292   6.456   -9.434  1.00 18.80 ? 59  ALA A C   1 
ATOM   306 O O   . ALA A 1 47 ? 5.484   7.117   -10.458 1.00 19.86 ? 59  ALA A O   1 
ATOM   307 C CB  . ALA A 1 47 ? 6.134   4.110   -9.488  1.00 17.94 ? 59  ALA A CB  1 
ATOM   308 N N   . LYS A 1 48 ? 4.142   6.475   -8.771  1.00 19.90 ? 60  LYS A N   1 
ATOM   309 C CA  . LYS A 1 48 ? 3.044   7.351   -9.161  1.00 19.50 ? 60  LYS A CA  1 
ATOM   310 C C   . LYS A 1 48 ? 3.174   8.745   -8.536  1.00 20.76 ? 60  LYS A C   1 
ATOM   311 O O   . LYS A 1 48 ? 2.464   9.666   -8.927  1.00 23.73 ? 60  LYS A O   1 
ATOM   312 C CB  . LYS A 1 48 ? 1.715   6.728   -8.741  1.00 21.26 ? 60  LYS A CB  1 
ATOM   313 C CG  . LYS A 1 48 ? 1.286   5.538   -9.570  1.00 24.31 ? 60  LYS A CG  1 
ATOM   314 C CD  . LYS A 1 48 ? 0.216   5.961   -10.535 1.00 27.38 ? 60  LYS A CD  1 
ATOM   315 C CE  . LYS A 1 48 ? -0.676  4.789   -10.893 1.00 32.12 ? 60  LYS A CE  1 
ATOM   316 N NZ  . LYS A 1 48 ? -2.041  5.204   -11.367 1.00 33.09 ? 60  LYS A NZ  1 
ATOM   317 N N   . GLN A 1 49 ? 4.061   8.884   -7.549  1.00 19.30 ? 61  GLN A N   1 
ATOM   318 C CA  . GLN A 1 49 ? 4.301   10.148  -6.854  1.00 18.61 ? 61  GLN A CA  1 
ATOM   319 C C   . GLN A 1 49 ? 3.006   10.672  -6.219  1.00 19.68 ? 61  GLN A C   1 
ATOM   320 O O   . GLN A 1 49 ? 2.619   11.815  -6.425  1.00 21.29 ? 61  GLN A O   1 
ATOM   321 C CB  . GLN A 1 49 ? 4.911   11.196  -7.806  1.00 17.99 ? 61  GLN A CB  1 
ATOM   322 C CG  . GLN A 1 49 ? 6.381   10.967  -8.199  1.00 16.95 ? 61  GLN A CG  1 
ATOM   323 C CD  . GLN A 1 49 ? 7.339   11.229  -7.058  1.00 18.98 ? 61  GLN A CD  1 
ATOM   324 O OE1 . GLN A 1 49 ? 7.900   10.309  -6.464  1.00 19.80 ? 61  GLN A OE1 1 
ATOM   325 N NE2 . GLN A 1 49 ? 7.519   12.490  -6.728  1.00 20.70 ? 61  GLN A NE2 1 
ATOM   326 N N   . LEU A 1 50 ? 2.341   9.812   -5.451  1.00 18.71 ? 62  LEU A N   1 
ATOM   327 C CA  . LEU A 1 50 ? 1.091   10.165  -4.787  1.00 18.14 ? 62  LEU A CA  1 
ATOM   328 C C   . LEU A 1 50 ? 1.315   10.868  -3.448  1.00 21.39 ? 62  LEU A C   1 
ATOM   329 O O   . LEU A 1 50 ? 0.395   11.476  -2.911  1.00 24.48 ? 62  LEU A O   1 
ATOM   330 C CB  . LEU A 1 50 ? 0.224   8.920   -4.572  1.00 15.79 ? 62  LEU A CB  1 
ATOM   331 C CG  . LEU A 1 50 ? -0.169  8.149   -5.830  1.00 11.75 ? 62  LEU A CG  1 
ATOM   332 C CD1 . LEU A 1 50 ? -0.899  6.872   -5.466  1.00 11.52 ? 62  LEU A CD1 1 
ATOM   333 C CD2 . LEU A 1 50 ? -1.019  9.014   -6.710  1.00 7.98  ? 62  LEU A CD2 1 
ATOM   334 N N   . TYR A 1 51 ? 2.523   10.776  -2.898  1.00 23.18 ? 63  TYR A N   1 
ATOM   335 C CA  . TYR A 1 51 ? 2.809   11.434  -1.628  1.00 23.62 ? 63  TYR A CA  1 
ATOM   336 C C   . TYR A 1 51 ? 2.979   12.939  -1.793  1.00 27.27 ? 63  TYR A C   1 
ATOM   337 O O   . TYR A 1 51 ? 3.302   13.434  -2.877  1.00 27.91 ? 63  TYR A O   1 
ATOM   338 C CB  . TYR A 1 51 ? 4.023   10.822  -0.924  1.00 21.34 ? 63  TYR A CB  1 
ATOM   339 C CG  . TYR A 1 51 ? 5.326   10.938  -1.668  1.00 22.75 ? 63  TYR A CG  1 
ATOM   340 C CD1 . TYR A 1 51 ? 6.146   12.059  -1.516  1.00 23.65 ? 63  TYR A CD1 1 
ATOM   341 C CD2 . TYR A 1 51 ? 5.767   9.905   -2.490  1.00 22.50 ? 63  TYR A CD2 1 
ATOM   342 C CE1 . TYR A 1 51 ? 7.362   12.141  -2.158  1.00 23.22 ? 63  TYR A CE1 1 
ATOM   343 C CE2 . TYR A 1 51 ? 6.979   9.980   -3.136  1.00 23.26 ? 63  TYR A CE2 1 
ATOM   344 C CZ  . TYR A 1 51 ? 7.770   11.097  -2.966  1.00 24.22 ? 63  TYR A CZ  1 
ATOM   345 O OH  . TYR A 1 51 ? 8.967   11.164  -3.626  1.00 24.48 ? 63  TYR A OH  1 
ATOM   346 N N   . ASP A 1 52 ? 2.776   13.660  -0.700  1.00 29.59 ? 64  ASP A N   1 
ATOM   347 C CA  . ASP A 1 52 ? 2.877   15.107  -0.704  1.00 31.23 ? 64  ASP A CA  1 
ATOM   348 C C   . ASP A 1 52 ? 4.311   15.619  -0.711  1.00 30.12 ? 64  ASP A C   1 
ATOM   349 O O   . ASP A 1 52 ? 5.147   15.211  0.107   1.00 26.39 ? 64  ASP A O   1 
ATOM   350 C CB  . ASP A 1 52 ? 2.113   15.683  0.492   1.00 34.63 ? 64  ASP A CB  1 
ATOM   351 C CG  . ASP A 1 52 ? 1.932   17.186  0.402   1.00 37.13 ? 64  ASP A CG  1 
ATOM   352 O OD1 . ASP A 1 52 ? 2.823   17.924  0.859   1.00 39.82 ? 64  ASP A OD1 1 
ATOM   353 O OD2 . ASP A 1 52 ? 0.900   17.636  -0.126  1.00 37.36 ? 64  ASP A OD2 1 
ATOM   354 N N   . GLU A 1 53 ? 4.550   16.556  -1.626  1.00 32.87 ? 65  GLU A N   1 
ATOM   355 C CA  . GLU A 1 53 ? 5.832   17.221  -1.823  1.00 36.96 ? 65  GLU A CA  1 
ATOM   356 C C   . GLU A 1 53 ? 6.433   17.777  -0.516  1.00 35.95 ? 65  GLU A C   1 
ATOM   357 O O   . GLU A 1 53 ? 7.611   17.563  -0.222  1.00 34.00 ? 65  GLU A O   1 
ATOM   358 C CB  . GLU A 1 53 ? 5.643   18.364  -2.839  1.00 44.73 ? 65  GLU A CB  1 
ATOM   359 C CG  . GLU A 1 53 ? 4.377   19.248  -2.560  1.00 53.51 ? 65  GLU A CG  1 
ATOM   360 C CD  . GLU A 1 53 ? 4.267   20.552  -3.395  1.00 59.55 ? 65  GLU A CD  1 
ATOM   361 O OE1 . GLU A 1 53 ? 5.289   21.067  -3.912  1.00 62.12 ? 65  GLU A OE1 1 
ATOM   362 O OE2 . GLU A 1 53 ? 3.136   21.082  -3.509  1.00 60.72 ? 65  GLU A OE2 1 
ATOM   363 N N   . LYS A 1 54 ? 5.611   18.455  0.276   1.00 37.36 ? 66  LYS A N   1 
ATOM   364 C CA  . LYS A 1 54 ? 6.051   19.072  1.528   1.00 41.84 ? 66  LYS A CA  1 
ATOM   365 C C   . LYS A 1 54 ? 5.899   18.166  2.748   1.00 40.44 ? 66  LYS A C   1 
ATOM   366 O O   . LYS A 1 54 ? 6.826   18.019  3.539   1.00 41.49 ? 66  LYS A O   1 
ATOM   367 C CB  . LYS A 1 54 ? 5.268   20.364  1.769   1.00 49.30 ? 66  LYS A CB  1 
ATOM   368 C CG  . LYS A 1 54 ? 5.007   21.188  0.516   1.00 55.91 ? 66  LYS A CG  1 
ATOM   369 C CD  . LYS A 1 54 ? 6.278   21.850  0.004   1.00 61.60 ? 66  LYS A CD  1 
ATOM   370 C CE  . LYS A 1 54 ? 6.069   22.554  -1.339  1.00 65.52 ? 66  LYS A CE  1 
ATOM   371 N NZ  . LYS A 1 54 ? 4.867   23.452  -1.363  1.00 67.67 ? 66  LYS A NZ  1 
ATOM   372 N N   . GLN A 1 55 ? 4.696   17.653  2.965   1.00 38.52 ? 67  GLN A N   1 
ATOM   373 C CA  . GLN A 1 55 ? 4.427   16.765  4.088   1.00 38.53 ? 67  GLN A CA  1 
ATOM   374 C C   . GLN A 1 55 ? 4.414   15.393  3.449   1.00 31.38 ? 67  GLN A C   1 
ATOM   375 O O   . GLN A 1 55 ? 3.369   14.892  3.046   1.00 29.50 ? 67  GLN A O   1 
ATOM   376 C CB  . GLN A 1 55 ? 3.063   17.089  4.713   1.00 48.08 ? 67  GLN A CB  1 
ATOM   377 C CG  . GLN A 1 55 ? 3.026   18.338  5.619   1.00 59.49 ? 67  GLN A CG  1 
ATOM   378 C CD  . GLN A 1 55 ? 3.510   18.068  7.061   1.00 69.34 ? 67  GLN A CD  1 
ATOM   379 O OE1 . GLN A 1 55 ? 2.701   17.843  7.974   1.00 71.80 ? 67  GLN A OE1 1 
ATOM   380 N NE2 . GLN A 1 55 ? 4.827   18.081  7.265   1.00 72.45 ? 67  GLN A NE2 1 
ATOM   381 N N   . GLN A 1 56 ? 5.588   14.784  3.374   1.00 29.46 ? 68  GLN A N   1 
ATOM   382 C CA  . GLN A 1 56 ? 5.741   13.487  2.723   1.00 28.77 ? 68  GLN A CA  1 
ATOM   383 C C   . GLN A 1 56 ? 5.143   12.250  3.396   1.00 28.81 ? 68  GLN A C   1 
ATOM   384 O O   . GLN A 1 56 ? 5.312   11.130  2.913   1.00 25.86 ? 68  GLN A O   1 
ATOM   385 C CB  . GLN A 1 56 ? 7.203   13.269  2.349   1.00 26.72 ? 68  GLN A CB  1 
ATOM   386 C CG  . GLN A 1 56 ? 7.699   14.353  1.418   1.00 26.08 ? 68  GLN A CG  1 
ATOM   387 C CD  . GLN A 1 56 ? 8.891   13.935  0.598   1.00 27.77 ? 68  GLN A CD  1 
ATOM   388 O OE1 . GLN A 1 56 ? 9.420   12.831  0.750   1.00 27.61 ? 68  GLN A OE1 1 
ATOM   389 N NE2 . GLN A 1 56 ? 9.310   14.810  -0.301  1.00 29.41 ? 68  GLN A NE2 1 
ATOM   390 N N   . HIS A 1 57 ? 4.445   12.448  4.508   1.00 27.80 ? 69  HIS A N   1 
ATOM   391 C CA  . HIS A 1 57 ? 3.811   11.324  5.182   1.00 23.58 ? 69  HIS A CA  1 
ATOM   392 C C   . HIS A 1 57 ? 2.359   11.218  4.708   1.00 19.70 ? 69  HIS A C   1 
ATOM   393 O O   . HIS A 1 57 ? 1.695   10.213  4.952   1.00 20.71 ? 69  HIS A O   1 
ATOM   394 C CB  . HIS A 1 57 ? 3.892   11.476  6.704   1.00 23.64 ? 69  HIS A CB  1 
ATOM   395 C CG  . HIS A 1 57 ? 3.349   12.771  7.208   1.00 24.02 ? 69  HIS A CG  1 
ATOM   396 N ND1 . HIS A 1 57 ? 2.063   12.899  7.686   1.00 23.94 ? 69  HIS A ND1 1 
ATOM   397 C CD2 . HIS A 1 57 ? 3.894   14.008  7.250   1.00 23.05 ? 69  HIS A CD2 1 
ATOM   398 C CE1 . HIS A 1 57 ? 1.835   14.163  7.990   1.00 24.35 ? 69  HIS A CE1 1 
ATOM   399 N NE2 . HIS A 1 57 ? 2.930   14.856  7.733   1.00 23.98 ? 69  HIS A NE2 1 
ATOM   400 N N   . ILE A 1 58 ? 1.896   12.229  3.978   1.00 16.40 ? 70  ILE A N   1 
ATOM   401 C CA  . ILE A 1 58 ? 0.527   12.274  3.457   1.00 18.17 ? 70  ILE A CA  1 
ATOM   402 C C   . ILE A 1 58 ? 0.505   11.766  2.015   1.00 20.61 ? 70  ILE A C   1 
ATOM   403 O O   . ILE A 1 58 ? 1.254   12.254  1.166   1.00 20.94 ? 70  ILE A O   1 
ATOM   404 C CB  . ILE A 1 58 ? -0.028  13.726  3.505   1.00 17.34 ? 70  ILE A CB  1 
ATOM   405 C CG1 . ILE A 1 58 ? -0.234  14.142  4.958   1.00 20.72 ? 70  ILE A CG1 1 
ATOM   406 C CG2 . ILE A 1 58 ? -1.353  13.842  2.765   1.00 15.09 ? 70  ILE A CG2 1 
ATOM   407 C CD1 . ILE A 1 58 ? -0.277  15.624  5.153   1.00 25.52 ? 70  ILE A CD1 1 
ATOM   408 N N   . VAL A 1 59 ? -0.353  10.786  1.752   1.00 18.12 ? 71  VAL A N   1 
ATOM   409 C CA  . VAL A 1 59 ? -0.492  10.203  0.426   1.00 15.02 ? 71  VAL A CA  1 
ATOM   410 C C   . VAL A 1 59 ? -1.840  10.621  -0.099  1.00 16.61 ? 71  VAL A C   1 
ATOM   411 O O   . VAL A 1 59 ? -2.836  10.379  0.553   1.00 18.92 ? 71  VAL A O   1 
ATOM   412 C CB  . VAL A 1 59 ? -0.471  8.647   0.488   1.00 14.04 ? 71  VAL A CB  1 
ATOM   413 C CG1 . VAL A 1 59 ? -0.711  8.044   -0.892  1.00 13.25 ? 71  VAL A CG1 1 
ATOM   414 C CG2 . VAL A 1 59 ? 0.853   8.155   1.062   1.00 11.80 ? 71  VAL A CG2 1 
ATOM   415 N N   . HIS A 1 60 ? -1.874  11.264  -1.259  1.00 20.16 ? 72  HIS A N   1 
ATOM   416 C CA  . HIS A 1 60 ? -3.128  11.697  -1.868  1.00 24.50 ? 72  HIS A CA  1 
ATOM   417 C C   . HIS A 1 60 ? -3.538  10.705  -2.940  1.00 27.19 ? 72  HIS A C   1 
ATOM   418 O O   . HIS A 1 60 ? -2.855  10.591  -3.955  1.00 30.48 ? 72  HIS A O   1 
ATOM   419 C CB  . HIS A 1 60 ? -2.940  13.048  -2.550  1.00 28.88 ? 72  HIS A CB  1 
ATOM   420 C CG  . HIS A 1 60 ? -2.637  14.160  -1.609  1.00 30.79 ? 72  HIS A CG  1 
ATOM   421 N ND1 . HIS A 1 60 ? -1.439  14.836  -1.623  1.00 32.41 ? 72  HIS A ND1 1 
ATOM   422 C CD2 . HIS A 1 60 ? -3.364  14.691  -0.600  1.00 34.24 ? 72  HIS A CD2 1 
ATOM   423 C CE1 . HIS A 1 60 ? -1.435  15.733  -0.657  1.00 34.84 ? 72  HIS A CE1 1 
ATOM   424 N NE2 . HIS A 1 60 ? -2.590  15.666  -0.019  1.00 36.96 ? 72  HIS A NE2 1 
ATOM   425 N N   . CYS A 1 61 ? -4.677  10.043  -2.773  1.00 26.46 ? 73  CYS A N   1 
ATOM   426 C CA  . CYS A 1 61 ? -5.113  9.068   -3.767  1.00 25.88 ? 73  CYS A CA  1 
ATOM   427 C C   . CYS A 1 61 ? -6.501  9.277   -4.321  1.00 28.33 ? 73  CYS A C   1 
ATOM   428 O O   . CYS A 1 61 ? -7.095  8.342   -4.856  1.00 28.31 ? 73  CYS A O   1 
ATOM   429 C CB  . CYS A 1 61 ? -4.993  7.653   -3.215  1.00 24.47 ? 73  CYS A CB  1 
ATOM   430 S SG  . CYS A 1 61 ? -5.373  7.510   -1.481  1.00 24.71 ? 73  CYS A SG  1 
ATOM   431 N N   . SER A 1 62 ? -6.965  10.524  -4.280  1.00 31.67 ? 74  SER A N   1 
ATOM   432 C CA  . SER A 1 62 ? -8.301  10.900  -4.744  1.00 38.81 ? 74  SER A CA  1 
ATOM   433 C C   . SER A 1 62 ? -8.648  10.537  -6.189  1.00 40.33 ? 74  SER A C   1 
ATOM   434 O O   . SER A 1 62 ? -9.812  10.236  -6.488  1.00 41.94 ? 74  SER A O   1 
ATOM   435 C CB  . SER A 1 62 ? -8.503  12.398  -4.538  1.00 43.46 ? 74  SER A CB  1 
ATOM   436 O OG  . SER A 1 62 ? -7.843  12.812  -3.350  1.00 49.61 ? 74  SER A OG  1 
ATOM   437 N N   . ASN A 1 63 ? -7.661  10.576  -7.081  1.00 37.49 ? 75  ASN A N   1 
ATOM   438 C CA  . ASN A 1 63 ? -7.910  10.259  -8.488  1.00 36.82 ? 75  ASN A CA  1 
ATOM   439 C C   . ASN A 1 63 ? -7.028  9.120   -8.953  1.00 27.55 ? 75  ASN A C   1 
ATOM   440 O O   . ASN A 1 63 ? -6.594  9.106   -10.093 1.00 27.59 ? 75  ASN A O   1 
ATOM   441 C CB  . ASN A 1 63 ? -7.618  11.479  -9.373  1.00 45.38 ? 75  ASN A CB  1 
ATOM   442 C CG  . ASN A 1 63 ? -8.496  12.690  -9.050  1.00 52.65 ? 75  ASN A CG  1 
ATOM   443 O OD1 . ASN A 1 63 ? -9.715  12.578  -8.860  1.00 55.12 ? 75  ASN A OD1 1 
ATOM   444 N ND2 . ASN A 1 63 ? -7.876  13.868  -9.039  1.00 55.20 ? 75  ASN A ND2 1 
ATOM   445 N N   . ASP A 1 64 ? -6.798  8.151   -8.081  1.00 21.40 ? 76  ASP A N   1 
ATOM   446 C CA  . ASP A 1 64 ? -5.925  7.026   -8.384  1.00 18.59 ? 76  ASP A CA  1 
ATOM   447 C C   . ASP A 1 64 ? -6.649  5.781   -7.903  1.00 18.48 ? 76  ASP A C   1 
ATOM   448 O O   . ASP A 1 64 ? -7.410  5.863   -6.932  1.00 16.09 ? 76  ASP A O   1 
ATOM   449 C CB  . ASP A 1 64 ? -4.619  7.208   -7.610  1.00 17.38 ? 76  ASP A CB  1 
ATOM   450 C CG  . ASP A 1 64 ? -3.616  6.125   -7.893  1.00 19.65 ? 76  ASP A CG  1 
ATOM   451 O OD1 . ASP A 1 64 ? -2.838  6.258   -8.848  1.00 22.40 ? 76  ASP A OD1 1 
ATOM   452 O OD2 . ASP A 1 64 ? -3.606  5.124   -7.169  1.00 18.90 ? 76  ASP A OD2 1 
ATOM   453 N N   . PRO A 1 65 ? -6.397  4.601   -8.536  1.00 18.59 ? 77  PRO A N   1 
ATOM   454 C CA  . PRO A 1 65 ? -7.082  3.369   -8.105  1.00 15.26 ? 77  PRO A CA  1 
ATOM   455 C C   . PRO A 1 65 ? -6.867  3.059   -6.624  1.00 12.55 ? 77  PRO A C   1 
ATOM   456 O O   . PRO A 1 65 ? -7.699  2.416   -6.000  1.00 14.55 ? 77  PRO A O   1 
ATOM   457 C CB  . PRO A 1 65 ? -6.471  2.291   -9.011  1.00 14.63 ? 77  PRO A CB  1 
ATOM   458 C CG  . PRO A 1 65 ? -6.096  3.041   -10.222 1.00 14.84 ? 77  PRO A CG  1 
ATOM   459 C CD  . PRO A 1 65 ? -5.517  4.321   -9.689  1.00 16.73 ? 77  PRO A CD  1 
ATOM   460 N N   . LEU A 1 66 ? -5.755  3.519   -6.058  1.00 15.00 ? 78  LEU A N   1 
ATOM   461 C CA  . LEU A 1 66 ? -5.475  3.289   -4.638  1.00 17.17 ? 78  LEU A CA  1 
ATOM   462 C C   . LEU A 1 66 ? -6.584  3.903   -3.785  1.00 19.41 ? 78  LEU A C   1 
ATOM   463 O O   . LEU A 1 66 ? -6.910  3.385   -2.711  1.00 21.53 ? 78  LEU A O   1 
ATOM   464 C CB  . LEU A 1 66 ? -4.114  3.879   -4.230  1.00 15.60 ? 78  LEU A CB  1 
ATOM   465 C CG  . LEU A 1 66 ? -3.698  3.575   -2.779  1.00 13.79 ? 78  LEU A CG  1 
ATOM   466 C CD1 . LEU A 1 66 ? -3.491  2.070   -2.589  1.00 13.90 ? 78  LEU A CD1 1 
ATOM   467 C CD2 . LEU A 1 66 ? -2.444  4.318   -2.445  1.00 11.23 ? 78  LEU A CD2 1 
ATOM   468 N N   . GLY A 1 67 ? -7.165  4.994   -4.282  1.00 20.22 ? 79  GLY A N   1 
ATOM   469 C CA  . GLY A 1 67 ? -8.255  5.656   -3.584  1.00 20.25 ? 79  GLY A CA  1 
ATOM   470 C C   . GLY A 1 67 ? -9.525  4.829   -3.681  1.00 19.78 ? 79  GLY A C   1 
ATOM   471 O O   . GLY A 1 67 ? -10.346 4.809   -2.762  1.00 18.30 ? 79  GLY A O   1 
ATOM   472 N N   . GLU A 1 68 ? -9.695  4.148   -4.808  1.00 20.22 ? 80  GLU A N   1 
ATOM   473 C CA  . GLU A 1 68 ? -10.858 3.299   -5.009  1.00 22.15 ? 80  GLU A CA  1 
ATOM   474 C C   . GLU A 1 68 ? -10.713 2.092   -4.128  1.00 24.86 ? 80  GLU A C   1 
ATOM   475 O O   . GLU A 1 68 ? -11.662 1.665   -3.488  1.00 29.45 ? 80  GLU A O   1 
ATOM   476 C CB  . GLU A 1 68 ? -10.959 2.854   -6.461  1.00 25.69 ? 80  GLU A CB  1 
ATOM   477 C CG  . GLU A 1 68 ? -11.154 4.001   -7.428  1.00 29.65 ? 80  GLU A CG  1 
ATOM   478 C CD  . GLU A 1 68 ? -12.391 4.827   -7.107  1.00 33.27 ? 80  GLU A CD  1 
ATOM   479 O OE1 . GLU A 1 68 ? -13.491 4.248   -6.970  1.00 34.89 ? 80  GLU A OE1 1 
ATOM   480 O OE2 . GLU A 1 68 ? -12.258 6.059   -6.989  1.00 35.18 ? 80  GLU A OE2 1 
ATOM   481 N N   . LEU A 1 69 ? -9.494  1.581   -4.054  1.00 24.18 ? 81  LEU A N   1 
ATOM   482 C CA  . LEU A 1 69 ? -9.195  0.410   -3.246  1.00 25.81 ? 81  LEU A CA  1 
ATOM   483 C C   . LEU A 1 69 ? -9.405  0.674   -1.756  1.00 26.76 ? 81  LEU A C   1 
ATOM   484 O O   . LEU A 1 69 ? -10.124 -0.060  -1.081  1.00 29.71 ? 81  LEU A O   1 
ATOM   485 C CB  . LEU A 1 69 ? -7.752  -0.066  -3.507  1.00 23.37 ? 81  LEU A CB  1 
ATOM   486 C CG  . LEU A 1 69 ? -7.244  -1.282  -2.725  1.00 19.40 ? 81  LEU A CG  1 
ATOM   487 C CD1 . LEU A 1 69 ? -7.850  -2.557  -3.256  1.00 18.77 ? 81  LEU A CD1 1 
ATOM   488 C CD2 . LEU A 1 69 ? -5.741  -1.335  -2.820  1.00 19.80 ? 81  LEU A CD2 1 
ATOM   489 N N   . PHE A 1 70 ? -8.771  1.719   -1.245  1.00 26.49 ? 82  PHE A N   1 
ATOM   490 C CA  . PHE A 1 70 ? -8.883  2.048   0.170   1.00 26.33 ? 82  PHE A CA  1 
ATOM   491 C C   . PHE A 1 70 ? -10.183 2.749   0.501   1.00 26.55 ? 82  PHE A C   1 
ATOM   492 O O   . PHE A 1 70 ? -10.709 2.602   1.601   1.00 25.40 ? 82  PHE A O   1 
ATOM   493 C CB  . PHE A 1 70 ? -7.693  2.908   0.613   1.00 26.04 ? 82  PHE A CB  1 
ATOM   494 C CG  . PHE A 1 70 ? -6.408  2.129   0.779   1.00 27.24 ? 82  PHE A CG  1 
ATOM   495 C CD1 . PHE A 1 70 ? -6.413  0.719   0.754   1.00 25.68 ? 82  PHE A CD1 1 
ATOM   496 C CD2 . PHE A 1 70 ? -5.191  2.795   0.981   1.00 25.42 ? 82  PHE A CD2 1 
ATOM   497 C CE1 . PHE A 1 70 ? -5.233  -0.007  0.926   1.00 21.54 ? 82  PHE A CE1 1 
ATOM   498 C CE2 . PHE A 1 70 ? -4.001  2.067   1.155   1.00 23.18 ? 82  PHE A CE2 1 
ATOM   499 C CZ  . PHE A 1 70 ? -4.025  0.670   1.128   1.00 19.11 ? 82  PHE A CZ  1 
ATOM   500 N N   . GLY A 1 71 ? -10.690 3.511   -0.461  1.00 28.18 ? 83  GLY A N   1 
ATOM   501 C CA  . GLY A 1 71 ? -11.916 4.260   -0.264  1.00 28.13 ? 83  GLY A CA  1 
ATOM   502 C C   . GLY A 1 71 ? -11.694 5.548   0.518   1.00 30.27 ? 83  GLY A C   1 
ATOM   503 O O   . GLY A 1 71 ? -12.566 5.951   1.276   1.00 31.89 ? 83  GLY A O   1 
ATOM   504 N N   . VAL A 1 72 ? -10.532 6.184   0.354   1.00 28.84 ? 84  VAL A N   1 
ATOM   505 C CA  . VAL A 1 72 ? -10.205 7.429   1.055   1.00 26.88 ? 84  VAL A CA  1 
ATOM   506 C C   . VAL A 1 72 ? -9.613  8.429   0.052   1.00 25.88 ? 84  VAL A C   1 
ATOM   507 O O   . VAL A 1 72 ? -9.301  8.059   -1.075  1.00 25.69 ? 84  VAL A O   1 
ATOM   508 C CB  . VAL A 1 72 ? -9.192  7.187   2.225   1.00 27.39 ? 84  VAL A CB  1 
ATOM   509 C CG1 . VAL A 1 72 ? -9.779  6.215   3.243   1.00 24.79 ? 84  VAL A CG1 1 
ATOM   510 C CG2 . VAL A 1 72 ? -7.867  6.649   1.698   1.00 27.84 ? 84  VAL A CG2 1 
ATOM   511 N N   . GLN A 1 73 ? -9.494  9.693   0.435   1.00 24.77 ? 85  GLN A N   1 
ATOM   512 C CA  . GLN A 1 73 ? -8.944  10.699  -0.474  1.00 28.84 ? 85  GLN A CA  1 
ATOM   513 C C   . GLN A 1 73 ? -7.466  10.774  -0.227  1.00 22.37 ? 85  GLN A C   1 
ATOM   514 O O   . GLN A 1 73 ? -6.708  11.245  -1.070  1.00 18.41 ? 85  GLN A O   1 
ATOM   515 C CB  . GLN A 1 73 ? -9.506  12.100  -0.197  1.00 40.09 ? 85  GLN A CB  1 
ATOM   516 C CG  . GLN A 1 73 ? -11.018 12.278  -0.204  1.00 51.46 ? 85  GLN A CG  1 
ATOM   517 C CD  . GLN A 1 73 ? -11.439 13.695  0.244   1.00 63.13 ? 85  GLN A CD  1 
ATOM   518 O OE1 . GLN A 1 73 ? -12.507 14.195  -0.142  1.00 67.03 ? 85  GLN A OE1 1 
ATOM   519 N NE2 . GLN A 1 73 ? -10.602 14.340  1.069   1.00 66.26 ? 85  GLN A NE2 1 
ATOM   520 N N   . GLU A 1 74 ? -7.087  10.412  0.991   1.00 23.00 ? 86  GLU A N   1 
ATOM   521 C CA  . GLU A 1 74 ? -5.697  10.441  1.409   1.00 23.93 ? 86  GLU A CA  1 
ATOM   522 C C   . GLU A 1 74 ? -5.505  9.729   2.734   1.00 19.50 ? 86  GLU A C   1 
ATOM   523 O O   . GLU A 1 74 ? -6.462  9.299   3.367   1.00 21.87 ? 86  GLU A O   1 
ATOM   524 C CB  . GLU A 1 74 ? -5.221  11.884  1.540   1.00 27.41 ? 86  GLU A CB  1 
ATOM   525 C CG  . GLU A 1 74 ? -6.061  12.720  2.451   1.00 32.87 ? 86  GLU A CG  1 
ATOM   526 C CD  . GLU A 1 74 ? -5.476  14.096  2.649   1.00 41.18 ? 86  GLU A CD  1 
ATOM   527 O OE1 . GLU A 1 74 ? -5.631  14.958  1.746   1.00 45.19 ? 86  GLU A OE1 1 
ATOM   528 O OE2 . GLU A 1 74 ? -4.854  14.309  3.712   1.00 42.53 ? 86  GLU A OE2 1 
ATOM   529 N N   . PHE A 1 75 ? -4.256  9.558   3.125   1.00 15.30 ? 87  PHE A N   1 
ATOM   530 C CA  . PHE A 1 75 ? -3.942  8.923   4.390   1.00 16.12 ? 87  PHE A CA  1 
ATOM   531 C C   . PHE A 1 75 ? -2.516  9.313   4.785   1.00 16.86 ? 87  PHE A C   1 
ATOM   532 O O   . PHE A 1 75 ? -1.784  9.908   3.984   1.00 17.01 ? 87  PHE A O   1 
ATOM   533 C CB  . PHE A 1 75 ? -4.180  7.386   4.355   1.00 18.58 ? 87  PHE A CB  1 
ATOM   534 C CG  . PHE A 1 75 ? -3.227  6.621   3.463   1.00 20.91 ? 87  PHE A CG  1 
ATOM   535 C CD1 . PHE A 1 75 ? -1.979  6.212   3.938   1.00 21.46 ? 87  PHE A CD1 1 
ATOM   536 C CD2 . PHE A 1 75 ? -3.570  6.320   2.149   1.00 21.94 ? 87  PHE A CD2 1 
ATOM   537 C CE1 . PHE A 1 75 ? -1.091  5.523   3.124   1.00 21.74 ? 87  PHE A CE1 1 
ATOM   538 C CE2 . PHE A 1 75 ? -2.680  5.626   1.323   1.00 23.59 ? 87  PHE A CE2 1 
ATOM   539 C CZ  . PHE A 1 75 ? -1.437  5.231   1.817   1.00 22.24 ? 87  PHE A CZ  1 
ATOM   540 N N   . SER A 1 76 ? -2.177  9.084   6.050   1.00 18.77 ? 88  SER A N   1 
ATOM   541 C CA  . SER A 1 76 ? -0.865  9.405   6.579   1.00 18.94 ? 88  SER A CA  1 
ATOM   542 C C   . SER A 1 76 ? -0.119  8.121   6.876   1.00 19.46 ? 88  SER A C   1 
ATOM   543 O O   . SER A 1 76 ? -0.667  7.212   7.496   1.00 18.00 ? 88  SER A O   1 
ATOM   544 C CB  . SER A 1 76 ? -0.996  10.210  7.872   1.00 19.17 ? 88  SER A CB  1 
ATOM   545 O OG  . SER A 1 76 ? 0.286   10.525  8.416   1.00 21.84 ? 88  SER A OG  1 
ATOM   546 N N   . VAL A 1 77 ? 1.136   8.038   6.455   1.00 20.83 ? 89  VAL A N   1 
ATOM   547 C CA  . VAL A 1 77 ? 1.893   6.833   6.736   1.00 24.45 ? 89  VAL A CA  1 
ATOM   548 C C   . VAL A 1 77 ? 2.205   6.849   8.227   1.00 25.11 ? 89  VAL A C   1 
ATOM   549 O O   . VAL A 1 77 ? 2.688   5.863   8.774   1.00 27.27 ? 89  VAL A O   1 
ATOM   550 C CB  . VAL A 1 77 ? 3.182   6.676   5.830   1.00 22.41 ? 89  VAL A CB  1 
ATOM   551 C CG1 . VAL A 1 77 ? 2.976   7.361   4.487   1.00 17.30 ? 89  VAL A CG1 1 
ATOM   552 C CG2 . VAL A 1 77 ? 4.424   7.165   6.529   1.00 22.70 ? 89  VAL A CG2 1 
ATOM   553 N N   . LYS A 1 78 ? 1.882   7.966   8.883   1.00 24.23 ? 90  LYS A N   1 
ATOM   554 C CA  . LYS A 1 78 ? 2.098   8.101   10.313  1.00 23.47 ? 90  LYS A CA  1 
ATOM   555 C C   . LYS A 1 78 ? 0.940   7.553   11.153  1.00 23.00 ? 90  LYS A C   1 
ATOM   556 O O   . LYS A 1 78 ? 0.897   7.726   12.362  1.00 23.86 ? 90  LYS A O   1 
ATOM   557 C CB  . LYS A 1 78 ? 2.424   9.543   10.662  1.00 24.50 ? 90  LYS A CB  1 
ATOM   558 C CG  . LYS A 1 78 ? 3.903   9.815   10.603  1.00 28.27 ? 90  LYS A CG  1 
ATOM   559 C CD  . LYS A 1 78 ? 4.210   11.265  10.852  1.00 33.47 ? 90  LYS A CD  1 
ATOM   560 C CE  . LYS A 1 78 ? 5.706   11.492  10.951  1.00 39.29 ? 90  LYS A CE  1 
ATOM   561 N NZ  . LYS A 1 78 ? 6.023   12.947  11.089  1.00 43.20 ? 90  LYS A NZ  1 
ATOM   562 N N   . GLU A 1 79 ? 0.010   6.871   10.496  1.00 23.09 ? 91  GLU A N   1 
ATOM   563 C CA  . GLU A 1 79 ? -1.126  6.239   11.163  1.00 21.49 ? 91  GLU A CA  1 
ATOM   564 C C   . GLU A 1 79 ? -1.150  4.773   10.695  1.00 20.10 ? 91  GLU A C   1 
ATOM   565 O O   . GLU A 1 79 ? -2.051  4.339   9.973   1.00 17.78 ? 91  GLU A O   1 
ATOM   566 C CB  . GLU A 1 79 ? -2.426  6.972   10.807  1.00 21.63 ? 91  GLU A CB  1 
ATOM   567 C CG  . GLU A 1 79 ? -2.503  8.393   11.385  1.00 24.87 ? 91  GLU A CG  1 
ATOM   568 C CD  . GLU A 1 79 ? -3.677  9.224   10.857  1.00 30.03 ? 91  GLU A CD  1 
ATOM   569 O OE1 . GLU A 1 79 ? -4.252  8.907   9.776   1.00 32.18 ? 91  GLU A OE1 1 
ATOM   570 O OE2 . GLU A 1 79 ? -4.009  10.220  11.533  1.00 30.94 ? 91  GLU A OE2 1 
ATOM   571 N N   . PRO A 1 80 ? -0.171  3.981   11.153  1.00 21.37 ? 92  PRO A N   1 
ATOM   572 C CA  . PRO A 1 80 ? -0.006  2.564   10.817  1.00 23.31 ? 92  PRO A CA  1 
ATOM   573 C C   . PRO A 1 80 ? -1.235  1.713   10.998  1.00 28.99 ? 92  PRO A C   1 
ATOM   574 O O   . PRO A 1 80 ? -1.516  0.861   10.154  1.00 32.05 ? 92  PRO A O   1 
ATOM   575 C CB  . PRO A 1 80 ? 1.110   2.108   11.754  1.00 20.96 ? 92  PRO A CB  1 
ATOM   576 C CG  . PRO A 1 80 ? 1.871   3.333   11.988  1.00 20.62 ? 92  PRO A CG  1 
ATOM   577 C CD  . PRO A 1 80 ? 0.807   4.374   12.176  1.00 19.23 ? 92  PRO A CD  1 
ATOM   578 N N   . ARG A 1 81 ? -1.981  1.943   12.074  1.00 31.43 ? 93  ARG A N   1 
ATOM   579 C CA  . ARG A 1 81 ? -3.180  1.146   12.337  1.00 32.94 ? 93  ARG A CA  1 
ATOM   580 C C   . ARG A 1 81 ? -4.252  1.240   11.246  1.00 29.04 ? 93  ARG A C   1 
ATOM   581 O O   . ARG A 1 81 ? -4.735  0.193   10.780  1.00 26.87 ? 93  ARG A O   1 
ATOM   582 C CB  . ARG A 1 81 ? -3.788  1.478   13.710  1.00 38.68 ? 93  ARG A CB  1 
ATOM   583 C CG  . ARG A 1 81 ? -4.790  0.420   14.232  1.00 43.17 ? 93  ARG A CG  1 
ATOM   584 C CD  . ARG A 1 81 ? -6.072  1.050   14.788  1.00 46.14 ? 93  ARG A CD  1 
ATOM   585 N NE  . ARG A 1 81 ? -6.608  2.016   13.828  1.00 49.53 ? 93  ARG A NE  1 
ATOM   586 C CZ  . ARG A 1 81 ? -7.897  2.169   13.552  1.00 50.29 ? 93  ARG A CZ  1 
ATOM   587 N NH1 . ARG A 1 81 ? -8.807  1.421   14.174  1.00 50.83 ? 93  ARG A NH1 1 
ATOM   588 N NH2 . ARG A 1 81 ? -8.266  3.046   12.627  1.00 48.52 ? 93  ARG A NH2 1 
ATOM   589 N N   . ARG A 1 82 ? -4.620  2.464   10.829  1.00 24.94 ? 94  ARG A N   1 
ATOM   590 C CA  . ARG A 1 82 ? -5.648  2.591   9.798   1.00 22.22 ? 94  ARG A CA  1 
ATOM   591 C C   . ARG A 1 82 ? -5.187  1.972   8.497   1.00 21.92 ? 94  ARG A C   1 
ATOM   592 O O   . ARG A 1 82 ? -5.983  1.356   7.795   1.00 21.88 ? 94  ARG A O   1 
ATOM   593 C CB  . ARG A 1 82 ? -6.112  4.031   9.543   1.00 21.37 ? 94  ARG A CB  1 
ATOM   594 C CG  . ARG A 1 82 ? -7.172  4.057   8.422   1.00 25.11 ? 94  ARG A CG  1 
ATOM   595 C CD  . ARG A 1 82 ? -7.826  5.415   8.158   1.00 28.55 ? 94  ARG A CD  1 
ATOM   596 N NE  . ARG A 1 82 ? -8.831  5.447   7.061   1.00 33.71 ? 94  ARG A NE  1 
ATOM   597 C CZ  . ARG A 1 82 ? -9.883  4.615   6.903   1.00 35.49 ? 94  ARG A CZ  1 
ATOM   598 N NH1 . ARG A 1 82 ? -10.128 3.611   7.749   1.00 35.84 ? 94  ARG A NH1 1 
ATOM   599 N NH2 . ARG A 1 82 ? -10.779 4.861   5.947   1.00 32.43 ? 94  ARG A NH2 1 
ATOM   600 N N   . LEU A 1 83 ? -3.899  2.116   8.187   1.00 23.99 ? 95  LEU A N   1 
ATOM   601 C CA  . LEU A 1 83 ? -3.332  1.559   6.949   1.00 24.00 ? 95  LEU A CA  1 
ATOM   602 C C   . LEU A 1 83 ? -3.479  0.037   6.909   1.00 20.40 ? 95  LEU A C   1 
ATOM   603 O O   . LEU A 1 83 ? -4.010  -0.521  5.952   1.00 20.21 ? 95  LEU A O   1 
ATOM   604 C CB  . LEU A 1 83 ? -1.852  1.967   6.790   1.00 24.83 ? 95  LEU A CB  1 
ATOM   605 C CG  . LEU A 1 83 ? -1.073  1.424   5.577   1.00 22.69 ? 95  LEU A CG  1 
ATOM   606 C CD1 . LEU A 1 83 ? -1.622  2.025   4.297   1.00 22.47 ? 95  LEU A CD1 1 
ATOM   607 C CD2 . LEU A 1 83 ? 0.415   1.712   5.717   1.00 19.44 ? 95  LEU A CD2 1 
ATOM   608 N N   . TYR A 1 84 ? -3.033  -0.637  7.955   1.00 19.52 ? 96  TYR A N   1 
ATOM   609 C CA  . TYR A 1 84 ? -3.152  -2.082  7.981   1.00 26.07 ? 96  TYR A CA  1 
ATOM   610 C C   . TYR A 1 84 ? -4.583  -2.565  7.848   1.00 27.39 ? 96  TYR A C   1 
ATOM   611 O O   . TYR A 1 84 ? -4.829  -3.589  7.217   1.00 32.51 ? 96  TYR A O   1 
ATOM   612 C CB  . TYR A 1 84 ? -2.477  -2.661  9.220   1.00 32.39 ? 96  TYR A CB  1 
ATOM   613 C CG  . TYR A 1 84 ? -0.993  -2.432  9.181   1.00 40.53 ? 96  TYR A CG  1 
ATOM   614 C CD1 . TYR A 1 84 ? -0.226  -2.897  8.118   1.00 44.29 ? 96  TYR A CD1 1 
ATOM   615 C CD2 . TYR A 1 84 ? -0.369  -1.668  10.152  1.00 47.43 ? 96  TYR A CD2 1 
ATOM   616 C CE1 . TYR A 1 84 ? 1.135   -2.595  8.018   1.00 49.05 ? 96  TYR A CE1 1 
ATOM   617 C CE2 . TYR A 1 84 ? 0.986   -1.358  10.067  1.00 51.26 ? 96  TYR A CE2 1 
ATOM   618 C CZ  . TYR A 1 84 ? 1.734   -1.821  9.000   1.00 52.10 ? 96  TYR A CZ  1 
ATOM   619 O OH  . TYR A 1 84 ? 3.074   -1.505  8.923   1.00 54.44 ? 96  TYR A OH  1 
ATOM   620 N N   . ALA A 1 85 ? -5.533  -1.803  8.370   1.00 23.87 ? 97  ALA A N   1 
ATOM   621 C CA  . ALA A 1 85 ? -6.937  -2.187  8.287   1.00 19.70 ? 97  ALA A CA  1 
ATOM   622 C C   . ALA A 1 85 ? -7.440  -2.107  6.859   1.00 18.18 ? 97  ALA A C   1 
ATOM   623 O O   . ALA A 1 85 ? -8.225  -2.941  6.421   1.00 18.85 ? 97  ALA A O   1 
ATOM   624 C CB  . ALA A 1 85 ? -7.784  -1.312  9.195   1.00 19.88 ? 97  ALA A CB  1 
ATOM   625 N N   . MET A 1 86 ? -6.981  -1.107  6.124   1.00 16.94 ? 98  MET A N   1 
ATOM   626 C CA  . MET A 1 86 ? -7.397  -0.948  4.744   1.00 16.09 ? 98  MET A CA  1 
ATOM   627 C C   . MET A 1 86 ? -6.839  -2.081  3.881   1.00 17.00 ? 98  MET A C   1 
ATOM   628 O O   . MET A 1 86 ? -7.522  -2.576  2.998   1.00 18.35 ? 98  MET A O   1 
ATOM   629 C CB  . MET A 1 86 ? -6.978  0.420   4.232   1.00 17.23 ? 98  MET A CB  1 
ATOM   630 C CG  . MET A 1 86 ? -7.559  1.561   5.065   1.00 20.42 ? 98  MET A CG  1 
ATOM   631 S SD  . MET A 1 86 ? -7.369  3.223   4.346   1.00 24.20 ? 98  MET A SD  1 
ATOM   632 C CE  . MET A 1 86 ? -5.637  3.527   4.611   1.00 19.00 ? 98  MET A CE  1 
ATOM   633 N N   . ILE A 1 87 ? -5.611  -2.505  4.166   1.00 19.48 ? 99  ILE A N   1 
ATOM   634 C CA  . ILE A 1 87 ? -4.956  -3.618  3.447   1.00 19.75 ? 99  ILE A CA  1 
ATOM   635 C C   . ILE A 1 87 ? -5.675  -4.940  3.772   1.00 22.21 ? 99  ILE A C   1 
ATOM   636 O O   . ILE A 1 87 ? -6.063  -5.696  2.873   1.00 22.59 ? 99  ILE A O   1 
ATOM   637 C CB  . ILE A 1 87 ? -3.446  -3.722  3.859   1.00 19.90 ? 99  ILE A CB  1 
ATOM   638 C CG1 . ILE A 1 87 ? -2.652  -2.606  3.184   1.00 18.70 ? 99  ILE A CG1 1 
ATOM   639 C CG2 . ILE A 1 87 ? -2.859  -5.086  3.510   1.00 22.34 ? 99  ILE A CG2 1 
ATOM   640 C CD1 . ILE A 1 87 ? -1.269  -2.434  3.717   1.00 19.15 ? 99  ILE A CD1 1 
ATOM   641 N N   . SER A 1 88 ? -5.917  -5.170  5.062   1.00 23.23 ? 100 SER A N   1 
ATOM   642 C CA  . SER A 1 88 ? -6.582  -6.382  5.534   1.00 23.48 ? 100 SER A CA  1 
ATOM   643 C C   . SER A 1 88 ? -7.958  -6.623  4.943   1.00 24.49 ? 100 SER A C   1 
ATOM   644 O O   . SER A 1 88 ? -8.274  -7.753  4.580   1.00 27.83 ? 100 SER A O   1 
ATOM   645 C CB  . SER A 1 88 ? -6.653  -6.399  7.057   1.00 25.68 ? 100 SER A CB  1 
ATOM   646 O OG  . SER A 1 88 ? -5.340  -6.451  7.587   1.00 30.96 ? 100 SER A OG  1 
ATOM   647 N N   . ARG A 1 89 ? -8.799  -5.594  4.858   1.00 22.92 ? 101 ARG A N   1 
ATOM   648 C CA  . ARG A 1 89 ? -10.101 -5.820  4.253   1.00 22.32 ? 101 ARG A CA  1 
ATOM   649 C C   . ARG A 1 89 ? -9.960  -6.081  2.747   1.00 19.01 ? 101 ARG A C   1 
ATOM   650 O O   . ARG A 1 89 ? -10.939 -6.290  2.046   1.00 18.95 ? 101 ARG A O   1 
ATOM   651 C CB  . ARG A 1 89 ? -11.107 -4.706  4.577   1.00 24.66 ? 101 ARG A CB  1 
ATOM   652 C CG  . ARG A 1 89 ? -10.608 -3.294  4.493   1.00 31.09 ? 101 ARG A CG  1 
ATOM   653 C CD  . ARG A 1 89 ? -11.670 -2.334  5.051   1.00 36.80 ? 101 ARG A CD  1 
ATOM   654 N NE  . ARG A 1 89 ? -11.236 -0.932  5.130   1.00 41.38 ? 101 ARG A NE  1 
ATOM   655 C CZ  . ARG A 1 89 ? -10.904 -0.179  4.081   1.00 45.42 ? 101 ARG A CZ  1 
ATOM   656 N NH1 . ARG A 1 89 ? -10.949 -0.673  2.844   1.00 47.15 ? 101 ARG A NH1 1 
ATOM   657 N NH2 . ARG A 1 89 ? -10.514 1.075   4.264   1.00 46.86 ? 101 ARG A NH2 1 
ATOM   658 N N   . ASN A 1 90 ? -8.721  -6.134  2.266   1.00 19.42 ? 102 ASN A N   1 
ATOM   659 C CA  . ASN A 1 90 ? -8.464  -6.400  0.862   1.00 19.96 ? 102 ASN A CA  1 
ATOM   660 C C   . ASN A 1 90 ? -7.616  -7.645  0.579   1.00 16.96 ? 102 ASN A C   1 
ATOM   661 O O   . ASN A 1 90 ? -6.949  -7.735  -0.448  1.00 16.94 ? 102 ASN A O   1 
ATOM   662 C CB  . ASN A 1 90 ? -7.901  -5.161  0.182   1.00 21.88 ? 102 ASN A CB  1 
ATOM   663 C CG  . ASN A 1 90 ? -8.984  -4.237  -0.264  1.00 25.96 ? 102 ASN A CG  1 
ATOM   664 O OD1 . ASN A 1 90 ? -9.638  -4.497  -1.266  1.00 29.73 ? 102 ASN A OD1 1 
ATOM   665 N ND2 . ASN A 1 90 ? -9.236  -3.186  0.506   1.00 25.90 ? 102 ASN A ND2 1 
ATOM   666 N N   . LEU A 1 91 ? -7.670  -8.606  1.491   1.00 15.29 ? 103 LEU A N   1 
ATOM   667 C CA  . LEU A 1 91 ? -6.966  -9.878  1.335   1.00 18.48 ? 103 LEU A CA  1 
ATOM   668 C C   . LEU A 1 91 ? -8.063  -10.935 1.306   1.00 20.52 ? 103 LEU A C   1 
ATOM   669 O O   . LEU A 1 91 ? -8.827  -11.043 2.268   1.00 22.18 ? 103 LEU A O   1 
ATOM   670 C CB  . LEU A 1 91 ? -6.064  -10.151 2.544   1.00 16.75 ? 103 LEU A CB  1 
ATOM   671 C CG  . LEU A 1 91 ? -5.007  -9.091  2.821   1.00 17.38 ? 103 LEU A CG  1 
ATOM   672 C CD1 . LEU A 1 91 ? -4.346  -9.357  4.129   1.00 16.66 ? 103 LEU A CD1 1 
ATOM   673 C CD2 . LEU A 1 91 ? -3.999  -9.061  1.697   1.00 18.81 ? 103 LEU A CD2 1 
ATOM   674 N N   . VAL A 1 92 ? -8.211  -11.678 0.213   1.00 21.89 ? 104 VAL A N   1 
ATOM   675 C CA  . VAL A 1 92 ? -9.262  -12.701 0.214   1.00 24.60 ? 104 VAL A CA  1 
ATOM   676 C C   . VAL A 1 92 ? -8.907  -13.780 1.214   1.00 23.72 ? 104 VAL A C   1 
ATOM   677 O O   . VAL A 1 92 ? -9.786  -14.434 1.735   1.00 22.53 ? 104 VAL A O   1 
ATOM   678 C CB  . VAL A 1 92 ? -9.635  -13.268 -1.210  1.00 24.78 ? 104 VAL A CB  1 
ATOM   679 C CG1 . VAL A 1 92 ? -8.560  -12.978 -2.226  1.00 24.85 ? 104 VAL A CG1 1 
ATOM   680 C CG2 . VAL A 1 92 ? -9.944  -14.757 -1.150  1.00 22.34 ? 104 VAL A CG2 1 
ATOM   681 N N   . SER A 1 93 ? -7.619  -13.916 1.511   1.00 27.34 ? 105 SER A N   1 
ATOM   682 C CA  . SER A 1 93 ? -7.132  -14.879 2.495   1.00 36.01 ? 105 SER A CA  1 
ATOM   683 C C   . SER A 1 93 ? -5.854  -14.376 3.143   1.00 40.11 ? 105 SER A C   1 
ATOM   684 O O   . SER A 1 93 ? -4.873  -14.090 2.464   1.00 38.82 ? 105 SER A O   1 
ATOM   685 C CB  . SER A 1 93 ? -6.900  -16.259 1.875   1.00 41.47 ? 105 SER A CB  1 
ATOM   686 O OG  . SER A 1 93 ? -6.220  -16.172 0.631   1.00 46.66 ? 105 SER A OG  1 
ATOM   687 N N   . ALA A 1 94 ? -5.895  -14.221 4.461   1.00 48.10 ? 106 ALA A N   1 
ATOM   688 C CA  . ALA A 1 94 ? -4.743  -13.743 5.226   1.00 55.83 ? 106 ALA A CA  1 
ATOM   689 C C   . ALA A 1 94 ? -3.887  -14.921 5.648   1.00 60.61 ? 106 ALA A C   1 
ATOM   690 O O   . ALA A 1 94 ? -2.999  -14.796 6.492   1.00 59.81 ? 106 ALA A O   1 
ATOM   691 C CB  . ALA A 1 94 ? -5.207  -12.972 6.456   1.00 56.97 ? 106 ALA A CB  1 
ATOM   692 N N   . ASN A 1 95 ? -4.186  -16.068 5.059   1.00 66.16 ? 107 ASN A N   1 
ATOM   693 C CA  . ASN A 1 95 ? -3.474  -17.294 5.336   1.00 73.29 ? 107 ASN A CA  1 
ATOM   694 C C   . ASN A 1 95 ? -3.741  -18.158 4.122   1.00 77.01 ? 107 ASN A C   1 
ATOM   695 O O   . ASN A 1 95 ? -4.872  -18.613 3.924   1.00 79.62 ? 107 ASN A O   1 
ATOM   696 C CB  . ASN A 1 95 ? -4.041  -17.969 6.591   1.00 76.74 ? 107 ASN A CB  1 
ATOM   697 C CG  . ASN A 1 95 ? -3.071  -18.963 7.224   1.00 79.51 ? 107 ASN A CG  1 
ATOM   698 O OD1 . ASN A 1 95 ? -2.053  -19.336 6.635   1.00 79.99 ? 107 ASN A OD1 1 
ATOM   699 N ND2 . ASN A 1 95 ? -3.373  -19.373 8.452   1.00 79.99 ? 107 ASN A ND2 1 
ATOM   700 N N   . VAL A 1 96 ? -2.750  -18.235 3.237   1.00 77.04 ? 108 VAL A N   1 
ATOM   701 C CA  . VAL A 1 96 ? -2.848  -19.050 2.035   1.00 76.67 ? 108 VAL A CA  1 
ATOM   702 C C   . VAL A 1 96 ? -1.975  -20.274 2.293   1.00 77.58 ? 108 VAL A C   1 
ATOM   703 O O   . VAL A 1 96 ? -2.468  -21.403 2.068   1.00 78.94 ? 108 VAL A O   1 
ATOM   704 C CB  . VAL A 1 96 ? -2.328  -18.308 0.781   1.00 75.91 ? 108 VAL A CB  1 
ATOM   705 C CG1 . VAL A 1 96 ? -2.569  -19.141 -0.455  1.00 75.72 ? 108 VAL A CG1 1 
ATOM   706 C CG2 . VAL A 1 96 ? -3.012  -16.973 0.639   1.00 76.01 ? 108 VAL A CG2 1 
ATOM   707 N N   . GLU B 2 5  ? 12.490  14.456  6.590   1.00 62.61 ? 17  GLU B N   1 
ATOM   708 C CA  . GLU B 2 5  ? 12.078  13.020  6.483   1.00 60.21 ? 17  GLU B CA  1 
ATOM   709 C C   . GLU B 2 5  ? 11.272  12.844  5.206   1.00 51.88 ? 17  GLU B C   1 
ATOM   710 O O   . GLU B 2 5  ? 10.253  13.514  4.993   1.00 49.50 ? 17  GLU B O   1 
ATOM   711 C CB  . GLU B 2 5  ? 11.251  12.585  7.703   1.00 63.37 ? 17  GLU B CB  1 
ATOM   712 C CG  . GLU B 2 5  ? 10.048  13.475  8.010   1.00 66.44 ? 17  GLU B CG  1 
ATOM   713 C CD  . GLU B 2 5  ? 9.180   12.922  9.127   1.00 69.73 ? 17  GLU B CD  1 
ATOM   714 O OE1 . GLU B 2 5  ? 9.729   12.589  10.205  1.00 70.35 ? 17  GLU B OE1 1 
ATOM   715 O OE2 . GLU B 2 5  ? 7.950   12.806  8.918   1.00 70.70 ? 17  GLU B OE2 1 
ATOM   716 N N   . THR B 2 6  ? 11.780  11.980  4.339   1.00 45.11 ? 18  THR B N   1 
ATOM   717 C CA  . THR B 2 6  ? 11.159  11.714  3.057   1.00 38.48 ? 18  THR B CA  1 
ATOM   718 C C   . THR B 2 6  ? 10.211  10.523  3.116   1.00 29.83 ? 18  THR B C   1 
ATOM   719 O O   . THR B 2 6  ? 10.274  9.715   4.046   1.00 28.87 ? 18  THR B O   1 
ATOM   720 C CB  . THR B 2 6  ? 12.247  11.476  2.000   1.00 39.43 ? 18  THR B CB  1 
ATOM   721 O OG1 . THR B 2 6  ? 13.081  10.382  2.409   1.00 38.41 ? 18  THR B OG1 1 
ATOM   722 C CG2 . THR B 2 6  ? 13.109  12.727  1.847   1.00 40.11 ? 18  THR B CG2 1 
ATOM   723 N N   . PHE B 2 7  ? 9.346   10.405  2.113   1.00 24.90 ? 19  PHE B N   1 
ATOM   724 C CA  . PHE B 2 7  ? 8.405   9.305   2.052   1.00 19.72 ? 19  PHE B CA  1 
ATOM   725 C C   . PHE B 2 7  ? 9.072   7.970   2.309   1.00 20.50 ? 19  PHE B C   1 
ATOM   726 O O   . PHE B 2 7  ? 8.591   7.187   3.132   1.00 21.94 ? 19  PHE B O   1 
ATOM   727 C CB  . PHE B 2 7  ? 7.708   9.237   0.700   1.00 18.58 ? 19  PHE B CB  1 
ATOM   728 C CG  . PHE B 2 7  ? 6.816   8.021   0.545   1.00 19.25 ? 19  PHE B CG  1 
ATOM   729 C CD1 . PHE B 2 7  ? 5.558   7.980   1.148   1.00 18.57 ? 19  PHE B CD1 1 
ATOM   730 C CD2 . PHE B 2 7  ? 7.254   6.900   -0.170  1.00 17.26 ? 19  PHE B CD2 1 
ATOM   731 C CE1 . PHE B 2 7  ? 4.755   6.844   1.046   1.00 18.89 ? 19  PHE B CE1 1 
ATOM   732 C CE2 . PHE B 2 7  ? 6.463   5.761   -0.282  1.00 16.60 ? 19  PHE B CE2 1 
ATOM   733 C CZ  . PHE B 2 7  ? 5.214   5.725   0.324   1.00 19.55 ? 19  PHE B CZ  1 
ATOM   734 N N   . SER B 2 8  ? 10.160  7.701   1.596   1.00 21.40 ? 20  SER B N   1 
ATOM   735 C CA  . SER B 2 8  ? 10.876  6.437   1.740   1.00 26.74 ? 20  SER B CA  1 
ATOM   736 C C   . SER B 2 8  ? 11.274  6.181   3.182   1.00 29.71 ? 20  SER B C   1 
ATOM   737 O O   . SER B 2 8  ? 11.201  5.033   3.658   1.00 30.73 ? 20  SER B O   1 
ATOM   738 C CB  . SER B 2 8  ? 12.138  6.421   0.874   1.00 29.88 ? 20  SER B CB  1 
ATOM   739 O OG  . SER B 2 8  ? 11.856  6.905   -0.426  1.00 35.62 ? 20  SER B OG  1 
ATOM   740 N N   . ASP B 2 9  ? 11.697  7.243   3.868   1.00 28.86 ? 21  ASP B N   1 
ATOM   741 C CA  . ASP B 2 9  ? 12.112  7.124   5.253   1.00 30.26 ? 21  ASP B CA  1 
ATOM   742 C C   . ASP B 2 9  ? 10.977  6.677   6.132   1.00 26.30 ? 21  ASP B C   1 
ATOM   743 O O   . ASP B 2 9  ? 11.115  5.716   6.882   1.00 24.75 ? 21  ASP B O   1 
ATOM   744 C CB  . ASP B 2 9  ? 12.683  8.436   5.764   1.00 35.97 ? 21  ASP B CB  1 
ATOM   745 C CG  . ASP B 2 9  ? 14.172  8.529   5.558   1.00 41.89 ? 21  ASP B CG  1 
ATOM   746 O OD1 . ASP B 2 9  ? 14.798  7.479   5.250   1.00 41.49 ? 21  ASP B OD1 1 
ATOM   747 O OD2 . ASP B 2 9  ? 14.720  9.649   5.712   1.00 46.13 ? 21  ASP B OD2 1 
ATOM   748 N N   . LEU B 2 10 ? 9.845   7.360   6.007   1.00 25.22 ? 22  LEU B N   1 
ATOM   749 C CA  . LEU B 2 10 ? 8.670   7.031   6.789   1.00 24.58 ? 22  LEU B CA  1 
ATOM   750 C C   . LEU B 2 10 ? 8.140   5.652   6.442   1.00 23.84 ? 22  LEU B C   1 
ATOM   751 O O   . LEU B 2 10 ? 7.861   4.852   7.333   1.00 22.61 ? 22  LEU B O   1 
ATOM   752 C CB  . LEU B 2 10 ? 7.567   8.067   6.573   1.00 26.15 ? 22  LEU B CB  1 
ATOM   753 C CG  . LEU B 2 10 ? 7.656   9.435   7.250   1.00 25.99 ? 22  LEU B CG  1 
ATOM   754 C CD1 . LEU B 2 10 ? 8.713   9.421   8.347   1.00 26.27 ? 22  LEU B CD1 1 
ATOM   755 C CD2 . LEU B 2 10 ? 7.950   10.486  6.218   1.00 25.44 ? 22  LEU B CD2 1 
ATOM   756 N N   . TRP B 2 11 ? 8.006   5.361   5.151   1.00 24.23 ? 23  TRP B N   1 
ATOM   757 C CA  . TRP B 2 11 ? 7.483   4.061   4.742   1.00 24.11 ? 23  TRP B CA  1 
ATOM   758 C C   . TRP B 2 11 ? 8.284   2.925   5.343   1.00 26.51 ? 23  TRP B C   1 
ATOM   759 O O   . TRP B 2 11 ? 7.728   1.905   5.757   1.00 26.19 ? 23  TRP B O   1 
ATOM   760 C CB  . TRP B 2 11 ? 7.479   3.914   3.222   1.00 22.64 ? 23  TRP B CB  1 
ATOM   761 C CG  . TRP B 2 11 ? 6.585   2.801   2.764   1.00 20.92 ? 23  TRP B CG  1 
ATOM   762 C CD1 . TRP B 2 11 ? 6.965   1.561   2.358   1.00 19.71 ? 23  TRP B CD1 1 
ATOM   763 C CD2 . TRP B 2 11 ? 5.152   2.834   2.674   1.00 18.38 ? 23  TRP B CD2 1 
ATOM   764 N NE1 . TRP B 2 11 ? 5.864   0.819   2.013   1.00 19.53 ? 23  TRP B NE1 1 
ATOM   765 C CE2 . TRP B 2 11 ? 4.738   1.574   2.198   1.00 16.56 ? 23  TRP B CE2 1 
ATOM   766 C CE3 . TRP B 2 11 ? 4.179   3.805   2.947   1.00 17.94 ? 23  TRP B CE3 1 
ATOM   767 C CZ2 . TRP B 2 11 ? 3.401   1.255   1.989   1.00 15.07 ? 23  TRP B CZ2 1 
ATOM   768 C CZ3 . TRP B 2 11 ? 2.852   3.488   2.740   1.00 19.18 ? 23  TRP B CZ3 1 
ATOM   769 C CH2 . TRP B 2 11 ? 2.474   2.217   2.263   1.00 17.45 ? 23  TRP B CH2 1 
ATOM   770 N N   . LYS B 2 12 ? 9.595   3.127   5.389   1.00 30.34 ? 24  LYS B N   1 
ATOM   771 C CA  . LYS B 2 12 ? 10.533  2.152   5.916   1.00 34.57 ? 24  LYS B CA  1 
ATOM   772 C C   . LYS B 2 12 ? 10.365  1.939   7.421   1.00 35.83 ? 24  LYS B C   1 
ATOM   773 O O   . LYS B 2 12 ? 10.830  0.946   7.963   1.00 37.38 ? 24  LYS B O   1 
ATOM   774 C CB  . LYS B 2 12 ? 11.951  2.619   5.603   1.00 38.82 ? 24  LYS B CB  1 
ATOM   775 C CG  . LYS B 2 12 ? 13.031  1.649   5.987   1.00 45.66 ? 24  LYS B CG  1 
ATOM   776 C CD  . LYS B 2 12 ? 14.408  2.312   5.924   1.00 52.82 ? 24  LYS B CD  1 
ATOM   777 C CE  . LYS B 2 12 ? 14.876  2.542   4.492   1.00 56.09 ? 24  LYS B CE  1 
ATOM   778 N NZ  . LYS B 2 12 ? 15.012  1.253   3.750   1.00 57.47 ? 24  LYS B NZ  1 
ATOM   779 N N   . LEU B 2 13 ? 9.684   2.863   8.087   1.00 36.23 ? 25  LEU B N   1 
ATOM   780 C CA  . LEU B 2 13 ? 9.466   2.781   9.522   1.00 37.18 ? 25  LEU B CA  1 
ATOM   781 C C   . LEU B 2 13 ? 8.105   2.227   9.893   1.00 39.75 ? 25  LEU B C   1 
ATOM   782 O O   . LEU B 2 13 ? 7.712   2.320   11.041  1.00 39.79 ? 25  LEU B O   1 
ATOM   783 C CB  . LEU B 2 13 ? 9.586   4.177   10.141  1.00 39.83 ? 25  LEU B CB  1 
ATOM   784 C CG  . LEU B 2 13 ? 10.921  4.734   10.637  1.00 43.69 ? 25  LEU B CG  1 
ATOM   785 C CD1 . LEU B 2 13 ? 11.451  3.839   11.747  1.00 45.73 ? 25  LEU B CD1 1 
ATOM   786 C CD2 . LEU B 2 13 ? 11.931  4.856   9.505   1.00 45.21 ? 25  LEU B CD2 1 
ATOM   787 N N   . LEU B 2 14 ? 7.383   1.641   8.947   1.00 44.58 ? 26  LEU B N   1 
ATOM   788 C CA  . LEU B 2 14 ? 6.040   1.140   9.241   1.00 47.24 ? 26  LEU B CA  1 
ATOM   789 C C   . LEU B 2 14 ? 5.876   0.058   10.307  1.00 55.68 ? 26  LEU B C   1 
ATOM   790 O O   . LEU B 2 14 ? 6.298   -1.087  10.122  1.00 56.27 ? 26  LEU B O   1 
ATOM   791 C CB  . LEU B 2 14 ? 5.306   0.754   7.952   1.00 40.72 ? 26  LEU B CB  1 
ATOM   792 C CG  . LEU B 2 14 ? 4.566   1.934   7.321   1.00 35.50 ? 26  LEU B CG  1 
ATOM   793 C CD1 . LEU B 2 14 ? 4.103   1.591   5.940   1.00 32.61 ? 26  LEU B CD1 1 
ATOM   794 C CD2 . LEU B 2 14 ? 3.395   2.339   8.203   1.00 34.71 ? 26  LEU B CD2 1 
ATOM   795 N N   . PRO B 2 15 ? 5.268   0.428   11.452  1.00 61.63 ? 27  PRO B N   1 
ATOM   796 C CA  . PRO B 2 15 ? 5.002   -0.438  12.599  1.00 64.69 ? 27  PRO B CA  1 
ATOM   797 C C   . PRO B 2 15 ? 3.571   -0.978  12.512  1.00 68.25 ? 27  PRO B C   1 
ATOM   798 O O   . PRO B 2 15 ? 3.367   -1.879  11.678  1.00 72.10 ? 27  PRO B O   1 
ATOM   799 C CB  . PRO B 2 15 ? 5.199   0.508   13.778  1.00 64.37 ? 27  PRO B CB  1 
ATOM   800 C CG  . PRO B 2 15 ? 4.589   1.766   13.273  1.00 63.95 ? 27  PRO B CG  1 
ATOM   801 C CD  . PRO B 2 15 ? 4.963   1.831   11.794  1.00 63.14 ? 27  PRO B CD  1 
HETATM 802 O O   . HOH C 3 .  ? -10.622 -6.339  -6.127  1.00 20.67 ? 120 HOH A O   1 
HETATM 803 O O   . HOH C 3 .  ? 9.041   0.504   -0.884  1.00 41.38 ? 121 HOH A O   1 
HETATM 804 O O   . HOH C 3 .  ? -3.079  5.576   7.651   1.00 24.38 ? 122 HOH A O   1 
HETATM 805 O O   . HOH C 3 .  ? 7.431   -10.186 -4.172  1.00 33.44 ? 123 HOH A O   1 
HETATM 806 O O   . HOH C 3 .  ? -10.831 10.650  3.660   1.00 36.38 ? 124 HOH A O   1 
HETATM 807 O O   . HOH C 3 .  ? -4.682  10.919  -6.883  1.00 29.25 ? 125 HOH A O   1 
HETATM 808 O O   . HOH C 3 .  ? -10.987 -5.042  -3.602  1.00 32.54 ? 126 HOH A O   1 
HETATM 809 O O   . HOH C 3 .  ? -13.095 6.231   -3.212  1.00 61.58 ? 127 HOH A O   1 
HETATM 810 O O   . HOH C 3 .  ? 7.435   -10.461 -6.743  1.00 25.45 ? 128 HOH A O   1 
HETATM 811 O O   . HOH C 3 .  ? -5.710  -8.565  -11.134 1.00 35.26 ? 129 HOH A O   1 
HETATM 812 O O   . HOH C 3 .  ? -4.176  -13.356 -5.721  1.00 59.76 ? 130 HOH A O   1 
HETATM 813 O O   . HOH C 3 .  ? 4.551   -7.823  -12.822 1.00 48.00 ? 131 HOH A O   1 
HETATM 814 O O   . HOH C 3 .  ? -9.598  11.677  -11.779 1.00 47.82 ? 132 HOH A O   1 
HETATM 815 O O   . HOH C 3 .  ? 5.119   14.089  -4.842  1.00 50.72 ? 133 HOH A O   1 
HETATM 816 O O   . HOH C 3 .  ? -10.431 1.403   10.283  1.00 49.81 ? 134 HOH A O   1 
HETATM 817 O O   . HOH C 3 .  ? 9.630   17.585  2.262   1.00 41.40 ? 135 HOH A O   1 
HETATM 818 O O   . HOH C 3 .  ? 8.937   -11.629 3.392   1.00 48.49 ? 136 HOH A O   1 
HETATM 819 O O   . HOH C 3 .  ? 3.361   1.921   -10.824 1.00 43.16 ? 137 HOH A O   1 
HETATM 820 O O   . HOH C 3 .  ? -12.427 3.876   3.911   1.00 53.72 ? 138 HOH A O   1 
HETATM 821 O O   . HOH C 3 .  ? -7.779  7.879   6.704   1.00 20.45 ? 139 HOH A O   1 
HETATM 822 O O   . HOH C 3 .  ? -2.476  11.254  13.258  1.00 20.02 ? 140 HOH A O   1 
HETATM 823 O O   . HOH C 3 .  ? 1.134   13.871  11.940  1.00 47.31 ? 141 HOH A O   1 
HETATM 824 O O   . HOH C 3 .  ? 10.376  13.291  -3.884  1.00 32.45 ? 142 HOH A O   1 
HETATM 825 O O   . HOH C 3 .  ? 6.595   14.962  -7.458  1.00 50.27 ? 143 HOH A O   1 
HETATM 826 O O   . HOH C 3 .  ? -9.125  -17.074 -5.400  1.00 55.32 ? 144 HOH A O   1 
HETATM 827 O O   . HOH C 3 .  ? 3.083   -12.587 5.939   1.00 45.42 ? 145 HOH A O   1 
HETATM 828 O O   . HOH C 3 .  ? -8.969  -11.929 4.955   1.00 44.18 ? 146 HOH A O   1 
HETATM 829 O O   . HOH C 3 .  ? -10.013 7.425   -5.853  1.00 36.88 ? 147 HOH A O   1 
HETATM 830 O O   . HOH C 3 .  ? -8.717  14.054  -13.439 1.00 64.04 ? 148 HOH A O   1 
HETATM 831 O O   . HOH C 3 .  ? 10.556  11.543  -1.508  1.00 44.35 ? 149 HOH A O   1 
HETATM 832 O O   . HOH C 3 .  ? 4.564   4.467   10.831  1.00 50.93 ? 150 HOH A O   1 
HETATM 833 O O   . HOH C 3 .  ? 8.447   -3.741  -6.307  1.00 57.51 ? 151 HOH A O   1 
HETATM 834 O O   . HOH C 3 .  ? -2.772  8.867   -10.254 1.00 51.44 ? 152 HOH A O   1 
HETATM 835 O O   . HOH C 3 .  ? -11.855 9.428   -2.567  1.00 65.22 ? 153 HOH A O   1 
HETATM 836 O O   . HOH C 3 .  ? 0.575   -18.881 5.246   1.00 47.88 ? 154 HOH A O   1 
HETATM 837 O O   . HOH D 3 .  ? 11.585  9.384   -0.686  1.00 23.67 ? 30  HOH B O   1 
HETATM 838 O O   . HOH D 3 .  ? 6.615   14.374  7.141   1.00 40.62 ? 31  HOH B O   1 
HETATM 839 O O   . HOH D 3 .  ? 7.081   -2.163  7.294   1.00 48.66 ? 32  HOH B O   1 
HETATM 840 O O   . HOH D 3 .  ? 8.481   -1.641  3.362   1.00 58.05 ? 33  HOH B O   1 
HETATM 841 O O   . HOH D 3 .  ? 5.873   -3.198  11.696  1.00 50.28 ? 34  HOH B O   1 
# 
